data_6IV7
#
_entry.id   6IV7
#
_cell.length_a   160.556
_cell.length_b   62.225
_cell.length_c   113.354
_cell.angle_alpha   90.000
_cell.angle_beta   113.060
_cell.angle_gamma   90.000
#
_symmetry.space_group_name_H-M   'C 1 2 1'
#
loop_
_entity.id
_entity.type
_entity.pdbx_description
1 polymer 'methyltransferase lepI'
2 non-polymer S-ADENOSYL-L-HOMOCYSTEINE
3 water water
#
_entity_poly.entity_id   1
_entity_poly.type   'polypeptide(L)'
_entity_poly.pdbx_seq_one_letter_code
;ETVAAIKTLIQQLAQSTDQFGRAEINDALRELQYSLETPFDTVMRMSLDTCQVAVARIGSDLGLFKHLSQCASPQSAEEL
ADHLGCGRELMSRLLRYMASVRMVQQTDDIKYISSNITQTLAVPGLEAGMRHAFENLWPVLMALPDFLAERKYPDIVDAK
DTAFQKAFNTDQDCFHWLATQPTRIANFKVLLTDERTPNFLSTFPLEKELGSWSAEPEKALFVDIGGGMGHACIRLREKY
PNQPGRVILQDLPPVLQAAQATLPLSGIESMPHNFHTPQPVQGAKFYFLRLILRDFPDHQALEILQNIVPAMDAESRIVI
DDGVPPEKGARWAETGTDICIMSALGSKERTQRQWEELAAKAGLQLQALYQYTWPVVNAAMVFSLQ
;
_entity_poly.pdbx_strand_id   A,B
#
# COMPACT_ATOMS: atom_id res chain seq x y z
N GLU A 1 10.58 -1.27 28.91
CA GLU A 1 9.79 -0.23 28.27
C GLU A 1 8.37 -0.73 28.00
N THR A 2 7.44 0.21 28.02
CA THR A 2 6.04 -0.07 27.76
C THR A 2 5.84 -0.65 26.36
N VAL A 3 6.66 -0.25 25.39
CA VAL A 3 6.50 -0.79 24.04
C VAL A 3 6.89 -2.26 24.00
N ALA A 4 8.00 -2.62 24.64
CA ALA A 4 8.38 -4.03 24.71
C ALA A 4 7.30 -4.85 25.42
N ALA A 5 6.67 -4.28 26.44
CA ALA A 5 5.66 -5.01 27.19
C ALA A 5 4.42 -5.26 26.35
N ILE A 6 4.01 -4.27 25.57
CA ILE A 6 2.88 -4.46 24.66
C ILE A 6 3.18 -5.57 23.67
N LYS A 7 4.37 -5.54 23.07
CA LYS A 7 4.69 -6.59 22.10
C LYS A 7 4.70 -7.96 22.75
N THR A 8 5.23 -8.07 23.97
CA THR A 8 5.27 -9.36 24.66
C THR A 8 3.88 -9.91 24.93
N LEU A 9 2.97 -9.06 25.39
CA LEU A 9 1.65 -9.55 25.76
C LEU A 9 0.82 -9.91 24.52
N ILE A 10 0.89 -9.09 23.46
CA ILE A 10 0.18 -9.46 22.25
C ILE A 10 0.76 -10.72 21.62
N GLN A 11 2.08 -10.85 21.62
CA GLN A 11 2.70 -12.10 21.18
C GLN A 11 2.18 -13.29 21.98
N GLN A 12 2.09 -13.14 23.30
CA GLN A 12 1.62 -14.23 24.14
C GLN A 12 0.14 -14.53 23.88
N LEU A 13 -0.69 -13.50 23.74
CA LEU A 13 -2.08 -13.73 23.41
C LEU A 13 -2.20 -14.46 22.08
N ALA A 14 -1.42 -13.99 21.08
CA ALA A 14 -1.48 -14.58 19.75
C ALA A 14 -1.12 -16.06 19.78
N GLN A 15 -0.07 -16.43 20.52
CA GLN A 15 0.32 -17.84 20.55
C GLN A 15 -0.67 -18.70 21.34
N SER A 16 -1.50 -18.08 22.17
CA SER A 16 -2.50 -18.75 23.01
C SER A 16 -3.81 -19.03 22.28
N THR A 17 -3.87 -18.86 20.96
CA THR A 17 -5.10 -19.00 20.20
C THR A 17 -4.75 -19.66 18.89
N ASP A 18 -5.72 -19.79 18.00
CA ASP A 18 -5.51 -20.46 16.73
C ASP A 18 -5.33 -19.42 15.62
N GLN A 19 -5.24 -19.90 14.38
CA GLN A 19 -4.97 -18.98 13.29
C GLN A 19 -6.10 -17.98 13.10
N PHE A 20 -7.34 -18.36 13.43
CA PHE A 20 -8.45 -17.42 13.27
C PHE A 20 -8.43 -16.36 14.38
N GLY A 21 -8.05 -16.74 15.60
CA GLY A 21 -7.88 -15.76 16.65
C GLY A 21 -6.76 -14.78 16.34
N ARG A 22 -5.68 -15.27 15.75
CA ARG A 22 -4.58 -14.39 15.37
C ARG A 22 -4.99 -13.44 14.24
N ALA A 23 -5.82 -13.92 13.32
CA ALA A 23 -6.33 -13.04 12.27
C ALA A 23 -7.21 -11.95 12.87
N GLU A 24 -8.02 -12.31 13.88
CA GLU A 24 -8.83 -11.28 14.52
C GLU A 24 -7.95 -10.26 15.25
N ILE A 25 -6.90 -10.72 15.91
CA ILE A 25 -5.98 -9.79 16.57
C ILE A 25 -5.35 -8.85 15.55
N ASN A 26 -4.91 -9.40 14.41
CA ASN A 26 -4.26 -8.55 13.41
C ASN A 26 -5.20 -7.48 12.88
N ASP A 27 -6.47 -7.82 12.63
CA ASP A 27 -7.40 -6.78 12.18
C ASP A 27 -7.60 -5.73 13.26
N ALA A 28 -7.57 -6.15 14.53
CA ALA A 28 -7.72 -5.17 15.59
C ALA A 28 -6.49 -4.26 15.65
N LEU A 29 -5.29 -4.82 15.51
CA LEU A 29 -4.08 -4.00 15.52
C LEU A 29 -4.10 -2.98 14.37
N ARG A 30 -4.55 -3.41 13.20
CA ARG A 30 -4.68 -2.51 12.06
C ARG A 30 -5.67 -1.38 12.35
N GLU A 31 -6.82 -1.73 12.92
CA GLU A 31 -7.79 -0.68 13.27
C GLU A 31 -7.23 0.26 14.32
N LEU A 32 -6.42 -0.24 15.26
CA LEU A 32 -5.83 0.66 16.25
C LEU A 32 -4.83 1.62 15.61
N GLN A 33 -4.00 1.10 14.72
CA GLN A 33 -3.05 1.93 13.97
C GLN A 33 -3.74 3.12 13.32
N TYR A 34 -4.80 2.83 12.56
CA TYR A 34 -5.48 3.89 11.81
C TYR A 34 -6.11 4.90 12.75
N SER A 35 -6.65 4.43 13.88
CA SER A 35 -7.26 5.35 14.83
C SER A 35 -6.24 6.23 15.52
N LEU A 36 -4.98 5.78 15.64
CA LEU A 36 -3.98 6.49 16.43
C LEU A 36 -3.03 7.35 15.62
N GLU A 37 -2.97 7.20 14.30
CA GLU A 37 -2.05 8.00 13.51
C GLU A 37 -2.54 9.46 13.40
N THR A 38 -1.63 10.40 13.25
CA THR A 38 -2.03 11.79 13.00
C THR A 38 -2.46 11.95 11.55
N PRO A 39 -3.12 13.07 11.20
CA PRO A 39 -3.46 13.33 9.79
C PRO A 39 -2.29 13.21 8.83
N PHE A 40 -1.15 13.84 9.15
CA PHE A 40 0.01 13.71 8.28
C PHE A 40 0.46 12.26 8.17
N ASP A 41 0.45 11.53 9.29
CA ASP A 41 0.80 10.11 9.27
C ASP A 41 -0.08 9.32 8.31
N THR A 42 -1.38 9.60 8.31
CA THR A 42 -2.29 8.92 7.41
C THR A 42 -1.85 9.04 5.95
N VAL A 43 -1.51 10.26 5.54
CA VAL A 43 -1.15 10.50 4.14
C VAL A 43 0.18 9.85 3.82
N MET A 44 1.12 9.91 4.77
CA MET A 44 2.41 9.25 4.58
C MET A 44 2.25 7.74 4.50
N ARG A 45 1.45 7.16 5.40
CA ARG A 45 1.20 5.72 5.35
C ARG A 45 0.63 5.31 3.99
N MET A 46 -0.41 6.02 3.54
CA MET A 46 -1.05 5.67 2.27
C MET A 46 -0.08 5.84 1.10
N SER A 47 0.77 6.87 1.15
CA SER A 47 1.72 7.11 0.07
C SER A 47 2.83 6.07 0.06
N LEU A 48 3.42 5.77 1.22
CA LEU A 48 4.61 4.94 1.24
C LEU A 48 4.31 3.45 1.22
N ASP A 49 3.10 3.03 1.58
CA ASP A 49 2.85 1.60 1.62
C ASP A 49 2.92 0.96 0.25
N THR A 50 2.75 1.75 -0.83
CA THR A 50 2.96 1.28 -2.20
C THR A 50 4.41 0.86 -2.48
N CYS A 51 5.39 1.40 -1.75
CA CYS A 51 6.78 0.99 -1.92
C CYS A 51 7.00 -0.49 -1.68
N GLN A 52 6.20 -1.10 -0.81
CA GLN A 52 6.47 -2.48 -0.44
C GLN A 52 6.39 -3.41 -1.64
N VAL A 53 5.41 -3.20 -2.51
CA VAL A 53 5.24 -4.10 -3.65
C VAL A 53 6.35 -3.89 -4.68
N ALA A 54 6.72 -2.63 -4.92
CA ALA A 54 7.82 -2.35 -5.84
C ALA A 54 9.13 -2.93 -5.32
N VAL A 55 9.40 -2.78 -4.02
CA VAL A 55 10.67 -3.26 -3.49
C VAL A 55 10.68 -4.78 -3.33
N ALA A 56 9.52 -5.39 -3.10
CA ALA A 56 9.45 -6.85 -3.12
C ALA A 56 9.75 -7.36 -4.53
N ARG A 57 9.24 -6.67 -5.54
CA ARG A 57 9.47 -7.09 -6.92
C ARG A 57 10.96 -6.99 -7.30
N ILE A 58 11.66 -6.02 -6.75
CA ILE A 58 13.11 -5.91 -6.96
C ILE A 58 13.86 -7.01 -6.24
N GLY A 59 13.50 -7.28 -4.99
CA GLY A 59 14.14 -8.34 -4.25
C GLY A 59 13.93 -9.69 -4.92
N SER A 60 12.74 -9.90 -5.48
CA SER A 60 12.42 -11.09 -6.25
C SER A 60 13.23 -11.16 -7.55
N ASP A 61 13.37 -10.03 -8.27
CA ASP A 61 14.20 -10.02 -9.47
C ASP A 61 15.64 -10.35 -9.15
N LEU A 62 16.12 -9.97 -7.97
CA LEU A 62 17.49 -10.25 -7.59
C LEU A 62 17.68 -11.62 -6.95
N GLY A 63 16.60 -12.34 -6.63
CA GLY A 63 16.74 -13.59 -5.88
C GLY A 63 17.14 -13.38 -4.45
N LEU A 64 16.85 -12.23 -3.87
CA LEU A 64 17.35 -11.91 -2.53
C LEU A 64 16.63 -12.72 -1.45
N PHE A 65 15.31 -12.84 -1.55
CA PHE A 65 14.58 -13.58 -0.54
C PHE A 65 14.96 -15.07 -0.55
N LYS A 66 15.13 -15.66 -1.73
CA LYS A 66 15.58 -17.05 -1.79
C LYS A 66 16.98 -17.20 -1.20
N HIS A 67 17.88 -16.27 -1.50
CA HIS A 67 19.24 -16.36 -0.99
C HIS A 67 19.29 -16.19 0.52
N LEU A 68 18.65 -15.13 1.03
CA LEU A 68 18.74 -14.83 2.45
C LEU A 68 18.08 -15.92 3.30
N SER A 69 17.04 -16.56 2.79
CA SER A 69 16.35 -17.60 3.54
C SER A 69 17.21 -18.84 3.71
N GLN A 70 18.21 -19.04 2.84
CA GLN A 70 19.13 -20.17 2.88
C GLN A 70 20.41 -19.87 3.64
N CYS A 71 20.67 -18.62 4.00
CA CYS A 71 21.89 -18.26 4.69
C CYS A 71 21.86 -18.69 6.14
N ALA A 72 23.04 -18.99 6.69
CA ALA A 72 23.16 -19.59 8.01
C ALA A 72 23.76 -18.65 9.04
N SER A 73 24.02 -17.39 8.68
CA SER A 73 24.49 -16.37 9.59
C SER A 73 24.09 -15.00 9.03
N PRO A 74 24.05 -13.96 9.86
CA PRO A 74 23.74 -12.62 9.36
C PRO A 74 24.67 -12.21 8.23
N GLN A 75 24.10 -11.60 7.19
CA GLN A 75 24.85 -11.13 6.03
C GLN A 75 25.00 -9.62 6.06
N SER A 76 26.18 -9.13 5.71
CA SER A 76 26.35 -7.70 5.52
C SER A 76 25.74 -7.28 4.18
N ALA A 77 25.43 -5.99 4.07
CA ALA A 77 24.87 -5.48 2.81
C ALA A 77 25.85 -5.67 1.66
N GLU A 78 27.15 -5.52 1.93
CA GLU A 78 28.14 -5.67 0.88
C GLU A 78 28.22 -7.11 0.40
N GLU A 79 28.19 -8.07 1.32
CA GLU A 79 28.19 -9.48 0.95
C GLU A 79 26.98 -9.81 0.05
N LEU A 80 25.78 -9.36 0.44
CA LEU A 80 24.59 -9.61 -0.36
C LEU A 80 24.69 -8.93 -1.73
N ALA A 81 25.10 -7.67 -1.75
CA ALA A 81 25.25 -6.93 -3.00
C ALA A 81 26.21 -7.65 -3.95
N ASP A 82 27.41 -7.99 -3.46
CA ASP A 82 28.38 -8.64 -4.32
C ASP A 82 27.91 -10.02 -4.76
N HIS A 83 27.10 -10.71 -3.94
CA HIS A 83 26.64 -12.04 -4.32
C HIS A 83 25.53 -11.98 -5.37
N LEU A 84 24.62 -11.02 -5.25
CA LEU A 84 23.47 -11.00 -6.14
C LEU A 84 23.66 -10.12 -7.37
N GLY A 85 24.73 -9.33 -7.42
CA GLY A 85 24.98 -8.48 -8.58
C GLY A 85 24.24 -7.16 -8.51
N CYS A 86 24.30 -6.52 -7.35
CA CYS A 86 23.61 -5.27 -7.14
C CYS A 86 24.61 -4.21 -6.71
N GLY A 87 24.35 -2.96 -7.09
CA GLY A 87 25.20 -1.87 -6.62
C GLY A 87 25.21 -1.82 -5.11
N ARG A 88 26.39 -1.52 -4.54
CA ARG A 88 26.55 -1.58 -3.09
C ARG A 88 25.66 -0.58 -2.37
N GLU A 89 25.60 0.67 -2.88
CA GLU A 89 24.79 1.67 -2.21
C GLU A 89 23.31 1.38 -2.39
N LEU A 90 22.92 0.97 -3.60
CA LEU A 90 21.54 0.59 -3.87
C LEU A 90 21.12 -0.56 -2.96
N MET A 91 21.94 -1.61 -2.83
CA MET A 91 21.54 -2.74 -2.02
C MET A 91 21.39 -2.35 -0.56
N SER A 92 22.31 -1.51 -0.06
CA SER A 92 22.23 -1.10 1.33
C SER A 92 20.97 -0.28 1.61
N ARG A 93 20.49 0.47 0.62
CA ARG A 93 19.30 1.29 0.82
C ARG A 93 18.04 0.45 0.73
N LEU A 94 18.02 -0.52 -0.19
CA LEU A 94 16.90 -1.46 -0.28
C LEU A 94 16.77 -2.30 0.98
N LEU A 95 17.90 -2.72 1.55
CA LEU A 95 17.88 -3.55 2.76
C LEU A 95 17.41 -2.76 3.96
N ARG A 96 17.88 -1.51 4.09
CA ARG A 96 17.43 -0.68 5.19
CA ARG A 96 17.44 -0.64 5.17
C ARG A 96 15.93 -0.44 5.12
N TYR A 97 15.40 -0.20 3.91
CA TYR A 97 13.97 -0.08 3.75
C TYR A 97 13.27 -1.41 4.05
N MET A 98 13.79 -2.52 3.51
CA MET A 98 13.17 -3.82 3.80
C MET A 98 13.15 -4.11 5.30
N ALA A 99 14.23 -3.76 6.01
CA ALA A 99 14.28 -4.02 7.44
C ALA A 99 13.21 -3.24 8.18
N SER A 100 12.97 -1.98 7.75
CA SER A 100 12.01 -1.13 8.40
C SER A 100 10.58 -1.65 8.25
N VAL A 101 10.30 -2.49 7.24
CA VAL A 101 8.98 -3.08 7.07
C VAL A 101 9.00 -4.61 7.27
N ARG A 102 10.02 -5.12 7.98
CA ARG A 102 10.20 -6.53 8.34
C ARG A 102 10.24 -7.47 7.12
N MET A 103 10.53 -6.96 5.93
CA MET A 103 10.77 -7.86 4.83
C MET A 103 12.08 -8.64 5.02
N VAL A 104 13.05 -8.05 5.73
CA VAL A 104 14.20 -8.77 6.29
C VAL A 104 14.33 -8.31 7.74
N GLN A 105 15.25 -8.90 8.50
CA GLN A 105 15.57 -8.35 9.81
C GLN A 105 16.98 -7.79 9.81
N GLN A 106 17.16 -6.69 10.54
CA GLN A 106 18.45 -6.03 10.69
C GLN A 106 18.99 -6.32 12.09
N THR A 107 20.21 -6.83 12.16
CA THR A 107 20.83 -7.10 13.44
C THR A 107 21.49 -5.83 13.98
N ASP A 108 21.92 -5.90 15.25
CA ASP A 108 22.48 -4.69 15.85
C ASP A 108 23.90 -4.38 15.39
N ASP A 109 24.56 -5.28 14.67
CA ASP A 109 25.77 -4.91 13.94
C ASP A 109 25.49 -4.56 12.49
N ILE A 110 24.25 -4.15 12.19
CA ILE A 110 23.83 -3.73 10.85
C ILE A 110 24.14 -4.82 9.83
N LYS A 111 23.76 -6.04 10.14
CA LYS A 111 23.69 -7.13 9.17
C LYS A 111 22.26 -7.61 9.07
N TYR A 112 22.01 -8.53 8.13
CA TYR A 112 20.65 -8.90 7.75
C TYR A 112 20.43 -10.41 7.81
N ILE A 113 19.26 -10.78 8.31
CA ILE A 113 18.81 -12.17 8.40
C ILE A 113 17.36 -12.21 7.92
N SER A 114 16.90 -13.41 7.58
CA SER A 114 15.53 -13.54 7.12
C SER A 114 14.55 -13.27 8.26
N SER A 115 13.36 -12.83 7.89
CA SER A 115 12.21 -12.75 8.76
C SER A 115 11.18 -13.76 8.27
N ASN A 116 10.03 -13.82 8.95
CA ASN A 116 8.94 -14.61 8.41
C ASN A 116 8.55 -14.16 6.99
N ILE A 117 8.67 -12.86 6.70
CA ILE A 117 8.27 -12.37 5.38
C ILE A 117 9.31 -12.73 4.31
N THR A 118 10.60 -12.69 4.65
CA THR A 118 11.61 -13.23 3.74
C THR A 118 11.26 -14.66 3.34
N GLN A 119 10.97 -15.51 4.33
CA GLN A 119 10.64 -16.91 4.03
C GLN A 119 9.42 -17.00 3.12
N THR A 120 8.41 -16.15 3.36
CA THR A 120 7.22 -16.16 2.53
C THR A 120 7.53 -15.84 1.07
N LEU A 121 8.27 -14.75 0.84
CA LEU A 121 8.56 -14.28 -0.52
C LEU A 121 9.49 -15.24 -1.27
N ALA A 122 10.21 -16.11 -0.56
CA ALA A 122 11.02 -17.15 -1.19
C ALA A 122 10.20 -18.35 -1.69
N VAL A 123 8.94 -18.48 -1.28
CA VAL A 123 8.10 -19.58 -1.75
C VAL A 123 7.56 -19.25 -3.15
N PRO A 124 7.80 -20.09 -4.17
CA PRO A 124 7.42 -19.72 -5.54
C PRO A 124 5.96 -19.34 -5.74
N GLY A 125 5.02 -20.08 -5.15
CA GLY A 125 3.61 -19.72 -5.32
C GLY A 125 3.27 -18.35 -4.76
N LEU A 126 3.80 -18.03 -3.58
CA LEU A 126 3.55 -16.72 -2.96
C LEU A 126 4.30 -15.60 -3.65
N GLU A 127 5.57 -15.83 -3.97
CA GLU A 127 6.30 -14.88 -4.82
C GLU A 127 5.51 -14.56 -6.08
N ALA A 128 4.87 -15.57 -6.66
CA ALA A 128 4.13 -15.32 -7.91
C ALA A 128 2.90 -14.45 -7.69
N GLY A 129 2.27 -14.53 -6.52
CA GLY A 129 1.12 -13.67 -6.27
C GLY A 129 1.53 -12.22 -6.11
N MET A 130 2.67 -11.98 -5.47
CA MET A 130 3.22 -10.63 -5.35
C MET A 130 3.54 -10.06 -6.73
N ARG A 131 4.17 -10.88 -7.60
CA ARG A 131 4.51 -10.39 -8.93
C ARG A 131 3.26 -10.19 -9.77
N HIS A 132 2.27 -11.07 -9.62
CA HIS A 132 0.97 -10.83 -10.24
C HIS A 132 0.40 -9.46 -9.84
N ALA A 133 0.48 -9.11 -8.56
CA ALA A 133 -0.11 -7.86 -8.10
C ALA A 133 0.61 -6.67 -8.72
N PHE A 134 1.93 -6.73 -8.76
CA PHE A 134 2.70 -5.65 -9.36
C PHE A 134 2.40 -5.50 -10.85
N GLU A 135 2.40 -6.61 -11.60
CA GLU A 135 2.39 -6.48 -13.05
C GLU A 135 1.00 -6.50 -13.65
N ASN A 136 0.01 -7.05 -12.96
CA ASN A 136 -1.34 -7.15 -13.49
C ASN A 136 -2.34 -6.33 -12.73
N LEU A 137 -2.22 -6.23 -11.41
CA LEU A 137 -3.25 -5.51 -10.68
C LEU A 137 -2.96 -4.00 -10.62
N TRP A 138 -1.74 -3.62 -10.27
CA TRP A 138 -1.38 -2.20 -10.18
C TRP A 138 -1.75 -1.39 -11.41
N PRO A 139 -1.45 -1.83 -12.64
CA PRO A 139 -1.89 -1.04 -13.79
C PRO A 139 -3.38 -0.85 -13.85
N VAL A 140 -4.15 -1.86 -13.42
CA VAL A 140 -5.59 -1.71 -13.44
C VAL A 140 -6.05 -0.71 -12.40
N LEU A 141 -5.49 -0.75 -11.19
CA LEU A 141 -5.90 0.21 -10.17
C LEU A 141 -5.46 1.62 -10.54
N MET A 142 -4.27 1.74 -11.15
CA MET A 142 -3.78 3.05 -11.56
C MET A 142 -4.71 3.67 -12.59
N ALA A 143 -5.41 2.85 -13.36
CA ALA A 143 -6.30 3.36 -14.39
C ALA A 143 -7.74 3.54 -13.93
N LEU A 144 -8.13 2.96 -12.78
CA LEU A 144 -9.54 3.00 -12.38
C LEU A 144 -10.06 4.41 -12.14
N PRO A 145 -9.40 5.30 -11.39
CA PRO A 145 -10.02 6.62 -11.13
C PRO A 145 -10.31 7.40 -12.40
N ASP A 146 -9.36 7.45 -13.33
CA ASP A 146 -9.64 8.19 -14.56
C ASP A 146 -10.61 7.42 -15.45
N PHE A 147 -10.58 6.08 -15.42
CA PHE A 147 -11.59 5.33 -16.16
C PHE A 147 -12.99 5.72 -15.70
N LEU A 148 -13.20 5.78 -14.38
CA LEU A 148 -14.53 6.07 -13.88
C LEU A 148 -14.92 7.51 -14.14
N ALA A 149 -13.95 8.44 -14.08
CA ALA A 149 -14.25 9.83 -14.34
C ALA A 149 -14.69 10.02 -15.79
N GLU A 150 -14.00 9.38 -16.74
CA GLU A 150 -14.38 9.51 -18.15
C GLU A 150 -15.79 9.01 -18.39
N ARG A 151 -16.12 7.84 -17.85
CA ARG A 151 -17.41 7.19 -18.04
C ARG A 151 -18.51 7.71 -17.10
N LYS A 152 -18.24 8.74 -16.32
CA LYS A 152 -19.21 9.31 -15.38
C LYS A 152 -19.69 8.30 -14.35
N TYR A 153 -18.75 7.57 -13.77
CA TYR A 153 -19.00 6.72 -12.60
C TYR A 153 -20.10 5.71 -12.85
N PRO A 154 -19.97 4.85 -13.86
CA PRO A 154 -20.99 3.83 -14.10
C PRO A 154 -20.83 2.66 -13.17
N ASP A 155 -21.92 1.92 -13.01
CA ASP A 155 -21.86 0.62 -12.38
C ASP A 155 -21.25 -0.36 -13.38
N ILE A 156 -20.14 -1.00 -13.00
CA ILE A 156 -19.41 -1.88 -13.91
C ILE A 156 -20.06 -3.26 -13.90
N VAL A 157 -20.31 -3.81 -15.09
CA VAL A 157 -21.11 -5.02 -15.22
C VAL A 157 -20.58 -5.93 -16.32
N ASP A 158 -19.74 -5.40 -17.20
CA ASP A 158 -19.27 -6.09 -18.39
C ASP A 158 -17.77 -6.31 -18.28
N ALA A 159 -17.33 -7.57 -18.48
CA ALA A 159 -15.92 -7.93 -18.39
C ALA A 159 -15.07 -7.34 -19.50
N LYS A 160 -15.68 -6.90 -20.60
CA LYS A 160 -14.97 -6.33 -21.73
C LYS A 160 -15.01 -4.81 -21.74
N ASP A 161 -15.55 -4.17 -20.68
CA ASP A 161 -15.58 -2.73 -20.57
C ASP A 161 -15.37 -2.30 -19.11
N THR A 162 -14.14 -2.48 -18.61
CA THR A 162 -13.79 -2.05 -17.27
C THR A 162 -12.37 -1.47 -17.35
N ALA A 163 -11.76 -1.21 -16.20
CA ALA A 163 -10.47 -0.52 -16.17
C ALA A 163 -9.38 -1.31 -16.89
N PHE A 164 -9.51 -2.63 -16.94
CA PHE A 164 -8.46 -3.46 -17.53
C PHE A 164 -8.21 -3.08 -18.98
N GLN A 165 -9.28 -2.83 -19.74
CA GLN A 165 -9.13 -2.53 -21.15
C GLN A 165 -8.45 -1.20 -21.37
N LYS A 166 -8.66 -0.25 -20.47
CA LYS A 166 -7.94 1.00 -20.56
C LYS A 166 -6.50 0.83 -20.11
N ALA A 167 -6.26 0.03 -19.08
CA ALA A 167 -4.93 -0.08 -18.51
C ALA A 167 -3.97 -0.83 -19.43
N PHE A 168 -4.47 -1.75 -20.24
CA PHE A 168 -3.59 -2.54 -21.08
C PHE A 168 -3.85 -2.31 -22.56
N ASN A 169 -4.70 -1.34 -22.89
CA ASN A 169 -4.98 -0.97 -24.28
C ASN A 169 -5.31 -2.20 -25.13
N THR A 170 -6.34 -2.92 -24.69
CA THR A 170 -6.83 -4.08 -25.41
C THR A 170 -8.36 -4.00 -25.43
N ASP A 171 -8.96 -4.85 -26.23
CA ASP A 171 -10.41 -4.98 -26.22
C ASP A 171 -10.86 -6.36 -25.76
N GLN A 172 -9.94 -7.28 -25.54
CA GLN A 172 -10.28 -8.58 -24.96
C GLN A 172 -10.48 -8.43 -23.45
N ASP A 173 -11.03 -9.47 -22.84
CA ASP A 173 -11.09 -9.54 -21.40
C ASP A 173 -9.82 -10.21 -20.87
N CYS A 174 -9.69 -10.24 -19.55
CA CYS A 174 -8.50 -10.78 -18.90
C CYS A 174 -8.14 -12.16 -19.42
N PHE A 175 -9.10 -13.08 -19.33
CA PHE A 175 -8.88 -14.47 -19.72
C PHE A 175 -8.22 -14.58 -21.09
N HIS A 176 -8.81 -13.94 -22.10
CA HIS A 176 -8.30 -14.09 -23.45
C HIS A 176 -7.05 -13.25 -23.68
N TRP A 177 -6.95 -12.08 -23.07
CA TRP A 177 -5.76 -11.25 -23.24
C TRP A 177 -4.52 -11.96 -22.73
N LEU A 178 -4.64 -12.69 -21.63
CA LEU A 178 -3.47 -13.31 -21.01
C LEU A 178 -2.83 -14.35 -21.92
N ALA A 179 -3.64 -15.05 -22.74
CA ALA A 179 -3.10 -16.06 -23.65
C ALA A 179 -2.07 -15.47 -24.60
N THR A 180 -2.33 -14.25 -25.08
CA THR A 180 -1.43 -13.52 -25.98
C THR A 180 -0.20 -12.97 -25.29
N GLN A 181 0.14 -13.43 -24.08
CA GLN A 181 1.13 -12.76 -23.25
C GLN A 181 2.08 -13.77 -22.61
N PRO A 182 3.19 -14.07 -23.28
CA PRO A 182 4.16 -15.07 -22.79
C PRO A 182 4.62 -14.94 -21.35
N THR A 183 5.13 -13.79 -20.93
CA THR A 183 5.71 -13.73 -19.59
C THR A 183 4.66 -13.93 -18.51
N ARG A 184 3.43 -13.50 -18.77
CA ARG A 184 2.40 -13.54 -17.76
C ARG A 184 1.78 -14.93 -17.61
N ILE A 185 1.85 -15.77 -18.64
CA ILE A 185 1.39 -17.15 -18.47
C ILE A 185 2.31 -17.90 -17.51
N ALA A 186 3.63 -17.71 -17.63
CA ALA A 186 4.56 -18.45 -16.78
C ALA A 186 4.35 -18.12 -15.31
N ASN A 187 4.13 -16.84 -14.99
CA ASN A 187 3.86 -16.48 -13.60
C ASN A 187 2.51 -17.02 -13.14
N PHE A 188 1.49 -16.95 -14.00
CA PHE A 188 0.17 -17.46 -13.64
C PHE A 188 0.22 -18.95 -13.36
N LYS A 189 0.87 -19.73 -14.22
CA LYS A 189 0.95 -21.17 -13.96
C LYS A 189 1.67 -21.43 -12.63
N VAL A 190 2.66 -20.62 -12.28
CA VAL A 190 3.31 -20.79 -10.98
C VAL A 190 2.33 -20.40 -9.87
N LEU A 191 1.52 -19.37 -10.11
CA LEU A 191 0.53 -18.95 -9.12
C LEU A 191 -0.45 -20.07 -8.79
N LEU A 192 -0.83 -20.88 -9.78
CA LEU A 192 -1.78 -21.97 -9.55
C LEU A 192 -1.22 -23.07 -8.66
N THR A 193 0.10 -23.13 -8.50
CA THR A 193 0.71 -24.14 -7.65
C THR A 193 0.61 -23.78 -6.17
N ASP A 194 0.24 -22.56 -5.83
CA ASP A 194 -0.04 -22.25 -4.44
C ASP A 194 -1.32 -22.94 -4.00
N GLU A 195 -1.34 -23.40 -2.76
CA GLU A 195 -2.52 -24.05 -2.20
C GLU A 195 -2.90 -23.33 -0.92
N ARG A 196 -4.08 -22.74 -0.90
CA ARG A 196 -4.50 -22.02 0.29
C ARG A 196 -4.82 -22.98 1.42
N THR A 197 -4.60 -22.51 2.64
CA THR A 197 -4.92 -23.29 3.82
C THR A 197 -5.57 -22.35 4.83
N PRO A 198 -6.60 -22.80 5.55
CA PRO A 198 -7.15 -24.16 5.47
C PRO A 198 -8.06 -24.32 4.24
N ASN A 199 -8.58 -25.52 3.98
CA ASN A 199 -9.50 -25.76 2.88
C ASN A 199 -10.84 -26.25 3.42
N PHE A 200 -11.82 -26.40 2.52
CA PHE A 200 -13.19 -26.66 2.93
C PHE A 200 -13.34 -27.98 3.65
N LEU A 201 -12.42 -28.94 3.40
CA LEU A 201 -12.55 -30.24 4.04
C LEU A 201 -12.37 -30.17 5.55
N SER A 202 -11.90 -29.04 6.10
CA SER A 202 -11.71 -28.97 7.54
C SER A 202 -13.04 -28.90 8.28
N THR A 203 -14.11 -28.47 7.62
CA THR A 203 -15.42 -28.39 8.27
C THR A 203 -16.53 -28.97 7.44
N PHE A 204 -16.26 -29.39 6.22
CA PHE A 204 -17.30 -29.98 5.37
C PHE A 204 -17.68 -31.37 5.88
N PRO A 205 -18.93 -31.60 6.34
CA PRO A 205 -19.29 -32.96 6.84
C PRO A 205 -19.69 -33.82 5.65
N LEU A 206 -18.65 -34.33 4.98
CA LEU A 206 -18.86 -35.07 3.74
C LEU A 206 -19.79 -36.26 3.95
N GLU A 207 -19.63 -37.01 5.04
CA GLU A 207 -20.47 -38.18 5.25
C GLU A 207 -21.93 -37.80 5.47
N LYS A 208 -22.17 -36.72 6.22
CA LYS A 208 -23.54 -36.25 6.38
C LYS A 208 -24.15 -35.83 5.05
N GLU A 209 -23.35 -35.17 4.20
CA GLU A 209 -23.88 -34.70 2.92
C GLU A 209 -24.06 -35.82 1.90
N LEU A 210 -23.36 -36.95 2.02
CA LEU A 210 -23.57 -38.04 1.07
C LEU A 210 -25.01 -38.52 1.12
N GLY A 211 -25.51 -38.81 2.33
CA GLY A 211 -26.93 -39.10 2.50
C GLY A 211 -27.39 -40.30 1.69
N SER A 212 -28.35 -40.05 0.80
CA SER A 212 -29.07 -41.05 0.02
C SER A 212 -28.40 -41.43 -1.31
N TRP A 213 -27.21 -40.90 -1.60
CA TRP A 213 -26.51 -41.17 -2.84
C TRP A 213 -25.67 -42.44 -2.72
N SER A 214 -25.48 -43.13 -3.85
CA SER A 214 -24.64 -44.32 -3.91
C SER A 214 -23.70 -44.22 -5.10
N ALA A 215 -22.46 -44.66 -4.91
CA ALA A 215 -21.44 -44.61 -5.95
C ALA A 215 -21.61 -45.68 -7.01
N GLU A 216 -22.41 -46.69 -6.72
CA GLU A 216 -22.58 -47.80 -7.63
C GLU A 216 -23.59 -47.43 -8.71
N PRO A 217 -23.41 -47.95 -9.93
CA PRO A 217 -22.28 -48.82 -10.30
C PRO A 217 -20.93 -48.11 -10.48
N GLU A 218 -20.88 -46.93 -11.11
CA GLU A 218 -19.62 -46.23 -11.36
C GLU A 218 -19.81 -44.70 -11.32
N LYS A 219 -20.46 -44.21 -10.27
CA LYS A 219 -20.79 -42.78 -10.25
C LYS A 219 -19.60 -41.96 -9.76
N ALA A 220 -19.67 -40.67 -10.07
CA ALA A 220 -18.64 -39.70 -9.68
C ALA A 220 -18.97 -39.09 -8.33
N LEU A 221 -18.03 -39.18 -7.39
CA LEU A 221 -18.23 -38.52 -6.10
C LEU A 221 -18.03 -37.01 -6.22
N PHE A 222 -17.03 -36.60 -6.99
CA PHE A 222 -16.48 -35.24 -6.89
C PHE A 222 -15.98 -34.83 -8.27
N VAL A 223 -16.55 -33.75 -8.80
CA VAL A 223 -16.15 -33.19 -10.09
C VAL A 223 -15.68 -31.77 -9.82
N ASP A 224 -14.37 -31.56 -9.93
CA ASP A 224 -13.71 -30.30 -9.58
C ASP A 224 -13.66 -29.43 -10.84
N ILE A 225 -14.59 -28.49 -10.97
CA ILE A 225 -14.77 -27.76 -12.22
C ILE A 225 -13.87 -26.53 -12.21
N GLY A 226 -12.94 -26.48 -13.16
CA GLY A 226 -11.87 -25.50 -13.12
C GLY A 226 -10.96 -25.69 -11.93
N GLY A 227 -10.57 -26.94 -11.66
CA GLY A 227 -9.84 -27.26 -10.45
C GLY A 227 -8.36 -27.02 -10.47
N GLY A 228 -7.84 -26.40 -11.53
CA GLY A 228 -6.46 -25.97 -11.52
C GLY A 228 -5.53 -27.17 -11.44
N MET A 229 -4.62 -27.13 -10.47
CA MET A 229 -3.71 -28.24 -10.22
C MET A 229 -4.41 -29.43 -9.55
N GLY A 230 -5.68 -29.29 -9.17
CA GLY A 230 -6.40 -30.38 -8.55
C GLY A 230 -6.18 -30.53 -7.07
N HIS A 231 -5.79 -29.45 -6.37
CA HIS A 231 -5.55 -29.55 -4.94
C HIS A 231 -6.79 -30.05 -4.19
N ALA A 232 -7.98 -29.67 -4.64
CA ALA A 232 -9.16 -30.11 -3.91
C ALA A 232 -9.34 -31.62 -4.02
N CYS A 233 -9.12 -32.17 -5.21
CA CYS A 233 -9.20 -33.61 -5.44
C CYS A 233 -8.17 -34.36 -4.61
N ILE A 234 -6.93 -33.85 -4.59
CA ILE A 234 -5.87 -34.48 -3.82
C ILE A 234 -6.22 -34.52 -2.34
N ARG A 235 -6.67 -33.37 -1.80
CA ARG A 235 -6.99 -33.32 -0.38
C ARG A 235 -8.22 -34.17 -0.05
N LEU A 236 -9.16 -34.27 -0.98
CA LEU A 236 -10.33 -35.11 -0.76
C LEU A 236 -9.94 -36.59 -0.69
N ARG A 237 -9.18 -37.08 -1.68
CA ARG A 237 -8.74 -38.46 -1.64
C ARG A 237 -7.91 -38.74 -0.39
N GLU A 238 -7.13 -37.76 0.04
CA GLU A 238 -6.28 -37.94 1.21
C GLU A 238 -7.11 -38.01 2.48
N LYS A 239 -8.13 -37.17 2.61
CA LYS A 239 -8.92 -37.17 3.83
C LYS A 239 -9.93 -38.32 3.88
N TYR A 240 -10.44 -38.75 2.72
CA TYR A 240 -11.49 -39.77 2.63
C TYR A 240 -11.02 -40.90 1.73
N PRO A 241 -9.97 -41.62 2.14
CA PRO A 241 -9.33 -42.57 1.22
C PRO A 241 -10.17 -43.79 0.94
N ASN A 242 -11.21 -44.02 1.74
CA ASN A 242 -12.04 -45.22 1.58
C ASN A 242 -13.40 -44.93 0.96
N GLN A 243 -13.74 -43.65 0.69
CA GLN A 243 -15.05 -43.35 0.14
C GLN A 243 -15.06 -43.68 -1.35
N PRO A 244 -15.96 -44.52 -1.84
CA PRO A 244 -15.95 -44.88 -3.26
C PRO A 244 -16.52 -43.79 -4.16
N GLY A 245 -16.16 -43.87 -5.44
CA GLY A 245 -16.68 -42.92 -6.42
C GLY A 245 -15.58 -42.23 -7.20
N ARG A 246 -15.85 -41.87 -8.45
CA ARG A 246 -14.86 -41.20 -9.27
C ARG A 246 -14.58 -39.81 -8.72
N VAL A 247 -13.32 -39.39 -8.81
CA VAL A 247 -12.88 -38.04 -8.48
C VAL A 247 -12.21 -37.47 -9.71
N ILE A 248 -12.79 -36.40 -10.27
CA ILE A 248 -12.50 -35.93 -11.61
C ILE A 248 -12.07 -34.48 -11.55
N LEU A 249 -10.87 -34.21 -12.04
CA LEU A 249 -10.35 -32.86 -12.17
C LEU A 249 -10.64 -32.36 -13.58
N GLN A 250 -11.42 -31.29 -13.69
CA GLN A 250 -11.80 -30.71 -14.98
C GLN A 250 -11.14 -29.34 -15.15
N ASP A 251 -10.52 -29.10 -16.30
CA ASP A 251 -9.89 -27.82 -16.59
C ASP A 251 -9.52 -27.80 -18.07
N LEU A 252 -8.77 -26.77 -18.48
CA LEU A 252 -8.31 -26.64 -19.85
C LEU A 252 -7.04 -27.45 -20.08
N PRO A 253 -6.78 -27.88 -21.31
CA PRO A 253 -5.66 -28.80 -21.56
C PRO A 253 -4.33 -28.28 -21.04
N PRO A 254 -3.93 -27.03 -21.33
CA PRO A 254 -2.60 -26.59 -20.82
C PRO A 254 -2.46 -26.69 -19.31
N VAL A 255 -3.54 -26.51 -18.55
CA VAL A 255 -3.47 -26.61 -17.09
C VAL A 255 -3.44 -28.06 -16.65
N LEU A 256 -4.18 -28.92 -17.34
CA LEU A 256 -4.22 -30.33 -16.98
C LEU A 256 -2.87 -31.00 -17.20
N GLN A 257 -2.15 -30.62 -18.27
CA GLN A 257 -0.83 -31.21 -18.48
C GLN A 257 0.17 -30.71 -17.45
N ALA A 258 0.05 -29.46 -17.03
CA ALA A 258 0.85 -28.96 -15.91
C ALA A 258 0.52 -29.68 -14.60
N ALA A 259 -0.74 -30.08 -14.41
CA ALA A 259 -1.10 -30.74 -13.16
C ALA A 259 -0.61 -32.18 -13.10
N GLN A 260 -0.25 -32.78 -14.24
CA GLN A 260 0.19 -34.19 -14.23
C GLN A 260 1.41 -34.40 -13.34
N ALA A 261 2.32 -33.43 -13.30
CA ALA A 261 3.53 -33.57 -12.49
C ALA A 261 3.18 -33.84 -11.02
N THR A 262 2.13 -33.22 -10.51
CA THR A 262 1.81 -33.24 -9.10
C THR A 262 0.69 -34.21 -8.74
N LEU A 263 -0.08 -34.71 -9.71
CA LEU A 263 -1.21 -35.56 -9.41
C LEU A 263 -0.74 -36.97 -9.01
N PRO A 264 -1.53 -37.69 -8.23
CA PRO A 264 -1.17 -39.07 -7.88
C PRO A 264 -1.37 -40.02 -9.06
N LEU A 265 -0.65 -41.14 -8.98
CA LEU A 265 -0.71 -42.19 -10.00
C LEU A 265 -2.15 -42.60 -10.29
N SER A 266 -2.97 -42.69 -9.25
CA SER A 266 -4.26 -43.35 -9.32
C SER A 266 -5.26 -42.59 -8.49
N GLY A 267 -6.52 -42.67 -8.92
CA GLY A 267 -7.64 -42.19 -8.13
C GLY A 267 -8.19 -40.86 -8.55
N ILE A 268 -7.50 -40.12 -9.42
CA ILE A 268 -7.97 -38.81 -9.87
C ILE A 268 -7.90 -38.77 -11.39
N GLU A 269 -9.05 -38.65 -12.03
CA GLU A 269 -9.07 -38.50 -13.47
C GLU A 269 -8.88 -37.05 -13.88
N SER A 270 -8.21 -36.85 -15.00
CA SER A 270 -8.01 -35.54 -15.62
C SER A 270 -8.86 -35.50 -16.88
N MET A 271 -9.77 -34.52 -16.95
CA MET A 271 -10.72 -34.46 -18.05
C MET A 271 -10.74 -33.04 -18.62
N PRO A 272 -10.29 -32.84 -19.85
CA PRO A 272 -10.41 -31.50 -20.45
C PRO A 272 -11.87 -31.09 -20.57
N HIS A 273 -12.19 -29.92 -20.02
CA HIS A 273 -13.56 -29.45 -20.08
C HIS A 273 -13.58 -27.94 -19.99
N ASN A 274 -14.27 -27.30 -20.92
CA ASN A 274 -14.52 -25.87 -20.82
C ASN A 274 -15.85 -25.68 -20.09
N PHE A 275 -15.82 -24.99 -18.94
CA PHE A 275 -17.04 -24.90 -18.14
C PHE A 275 -18.08 -23.93 -18.72
N HIS A 276 -17.84 -23.35 -19.89
CA HIS A 276 -18.89 -22.64 -20.62
C HIS A 276 -19.71 -23.56 -21.53
N THR A 277 -19.48 -24.88 -21.46
CA THR A 277 -20.25 -25.84 -22.24
C THR A 277 -20.96 -26.83 -21.30
N PRO A 278 -21.92 -27.61 -21.78
CA PRO A 278 -22.62 -28.54 -20.89
C PRO A 278 -21.68 -29.49 -20.16
N GLN A 279 -22.02 -29.72 -18.88
CA GLN A 279 -21.23 -30.60 -18.02
C GLN A 279 -21.36 -32.05 -18.50
N PRO A 280 -20.27 -32.73 -18.83
CA PRO A 280 -20.39 -34.09 -19.37
C PRO A 280 -20.65 -35.17 -18.33
N VAL A 281 -20.16 -35.01 -17.10
CA VAL A 281 -20.30 -36.07 -16.09
C VAL A 281 -21.70 -36.03 -15.51
N GLN A 282 -22.42 -37.17 -15.57
CA GLN A 282 -23.83 -37.24 -15.21
C GLN A 282 -24.00 -37.80 -13.81
N GLY A 283 -24.91 -37.19 -13.04
CA GLY A 283 -25.32 -37.71 -11.75
C GLY A 283 -24.25 -37.74 -10.69
N ALA A 284 -23.24 -36.88 -10.78
CA ALA A 284 -22.22 -36.87 -9.75
C ALA A 284 -22.83 -36.40 -8.43
N LYS A 285 -22.20 -36.78 -7.32
CA LYS A 285 -22.68 -36.29 -6.03
C LYS A 285 -22.40 -34.80 -5.86
N PHE A 286 -21.14 -34.38 -6.08
CA PHE A 286 -20.72 -32.99 -5.86
C PHE A 286 -20.10 -32.42 -7.12
N TYR A 287 -20.70 -31.34 -7.65
CA TYR A 287 -20.07 -30.52 -8.69
C TYR A 287 -19.47 -29.30 -7.97
N PHE A 288 -18.14 -29.18 -7.99
CA PHE A 288 -17.41 -28.31 -7.08
C PHE A 288 -16.82 -27.14 -7.85
N LEU A 289 -17.07 -25.92 -7.38
CA LEU A 289 -16.64 -24.68 -8.04
C LEU A 289 -15.95 -23.81 -7.00
N ARG A 290 -14.62 -23.83 -6.95
CA ARG A 290 -13.88 -23.08 -5.94
C ARG A 290 -13.21 -21.86 -6.59
N LEU A 291 -13.59 -20.66 -6.14
CA LEU A 291 -13.00 -19.42 -6.64
C LEU A 291 -13.14 -19.31 -8.15
N ILE A 292 -14.28 -19.75 -8.67
CA ILE A 292 -14.59 -19.67 -10.08
C ILE A 292 -15.60 -18.56 -10.33
N LEU A 293 -16.78 -18.66 -9.71
CA LEU A 293 -17.87 -17.76 -10.03
C LEU A 293 -17.57 -16.33 -9.62
N ARG A 294 -16.69 -16.11 -8.64
CA ARG A 294 -16.37 -14.73 -8.28
C ARG A 294 -15.67 -13.98 -9.40
N ASP A 295 -15.13 -14.68 -10.39
CA ASP A 295 -14.42 -14.04 -11.48
C ASP A 295 -15.35 -13.63 -12.63
N PHE A 296 -16.66 -13.80 -12.48
CA PHE A 296 -17.60 -13.57 -13.57
C PHE A 296 -18.74 -12.68 -13.11
N PRO A 297 -19.14 -11.73 -13.94
CA PRO A 297 -20.42 -11.03 -13.74
C PRO A 297 -21.57 -12.01 -13.68
N ASP A 298 -22.71 -11.52 -13.16
CA ASP A 298 -23.85 -12.41 -12.91
C ASP A 298 -24.29 -13.14 -14.18
N HIS A 299 -24.28 -12.44 -15.32
CA HIS A 299 -24.74 -13.08 -16.55
C HIS A 299 -23.90 -14.30 -16.90
N GLN A 300 -22.58 -14.18 -16.83
CA GLN A 300 -21.73 -15.32 -17.18
C GLN A 300 -21.67 -16.36 -16.07
N ALA A 301 -21.73 -15.93 -14.82
CA ALA A 301 -21.75 -16.89 -13.72
C ALA A 301 -22.98 -17.77 -13.79
N LEU A 302 -24.10 -17.17 -14.22
CA LEU A 302 -25.34 -17.91 -14.36
C LEU A 302 -25.22 -18.96 -15.46
N GLU A 303 -24.63 -18.56 -16.59
CA GLU A 303 -24.44 -19.50 -17.69
C GLU A 303 -23.60 -20.69 -17.27
N ILE A 304 -22.62 -20.48 -16.39
CA ILE A 304 -21.80 -21.60 -15.93
C ILE A 304 -22.64 -22.58 -15.11
N LEU A 305 -23.51 -22.06 -14.23
CA LEU A 305 -24.40 -22.91 -13.45
C LEU A 305 -25.40 -23.63 -14.34
N GLN A 306 -25.98 -22.91 -15.30
CA GLN A 306 -26.93 -23.54 -16.22
C GLN A 306 -26.29 -24.66 -17.02
N ASN A 307 -24.96 -24.64 -17.20
CA ASN A 307 -24.31 -25.72 -17.94
C ASN A 307 -24.13 -26.97 -17.10
N ILE A 308 -24.26 -26.89 -15.78
CA ILE A 308 -24.15 -28.04 -14.90
C ILE A 308 -25.52 -28.64 -14.60
N VAL A 309 -26.53 -27.79 -14.41
CA VAL A 309 -27.84 -28.21 -13.93
C VAL A 309 -28.40 -29.41 -14.70
N PRO A 310 -28.32 -29.49 -16.04
CA PRO A 310 -28.91 -30.67 -16.72
C PRO A 310 -28.19 -31.99 -16.43
N ALA A 311 -26.99 -31.96 -15.87
CA ALA A 311 -26.33 -33.20 -15.49
C ALA A 311 -26.72 -33.69 -14.11
N MET A 312 -27.51 -32.93 -13.34
CA MET A 312 -27.77 -33.27 -11.95
C MET A 312 -28.90 -34.28 -11.80
N ASP A 313 -28.65 -35.33 -11.02
CA ASP A 313 -29.71 -36.14 -10.44
C ASP A 313 -30.29 -35.41 -9.23
N ALA A 314 -31.37 -35.99 -8.68
CA ALA A 314 -31.99 -35.39 -7.51
C ALA A 314 -31.04 -35.37 -6.31
N GLU A 315 -30.11 -36.33 -6.25
CA GLU A 315 -29.14 -36.39 -5.16
C GLU A 315 -27.85 -35.65 -5.46
N SER A 316 -27.72 -35.07 -6.66
CA SER A 316 -26.57 -34.24 -7.00
C SER A 316 -26.59 -32.92 -6.25
N ARG A 317 -25.39 -32.36 -6.01
CA ARG A 317 -25.26 -31.06 -5.38
C ARG A 317 -24.19 -30.27 -6.10
N ILE A 318 -24.44 -28.97 -6.27
CA ILE A 318 -23.41 -28.03 -6.68
C ILE A 318 -22.82 -27.42 -5.42
N VAL A 319 -21.50 -27.45 -5.30
CA VAL A 319 -20.83 -26.92 -4.14
C VAL A 319 -20.00 -25.73 -4.61
N ILE A 320 -20.43 -24.54 -4.22
CA ILE A 320 -19.69 -23.31 -4.54
C ILE A 320 -18.84 -22.97 -3.32
N ASP A 321 -17.51 -22.98 -3.51
CA ASP A 321 -16.56 -22.71 -2.45
C ASP A 321 -15.94 -21.35 -2.78
N ASP A 322 -16.28 -20.33 -2.01
CA ASP A 322 -15.96 -18.97 -2.43
C ASP A 322 -16.14 -18.04 -1.23
N GLY A 323 -15.87 -16.76 -1.46
CA GLY A 323 -16.06 -15.78 -0.39
C GLY A 323 -17.53 -15.47 -0.19
N VAL A 324 -17.92 -15.33 1.08
CA VAL A 324 -19.27 -14.93 1.45
C VAL A 324 -19.18 -13.74 2.40
N PRO A 325 -18.90 -12.53 1.92
CA PRO A 325 -18.76 -11.41 2.86
C PRO A 325 -20.08 -11.16 3.56
N PRO A 326 -20.05 -10.60 4.76
CA PRO A 326 -21.29 -10.31 5.48
C PRO A 326 -22.00 -9.09 4.89
N GLU A 327 -23.23 -8.89 5.35
CA GLU A 327 -24.05 -7.80 4.82
C GLU A 327 -23.54 -6.46 5.32
N LYS A 328 -22.89 -6.44 6.49
CA LYS A 328 -22.26 -5.22 6.97
C LYS A 328 -21.00 -5.58 7.75
N GLY A 329 -20.14 -4.58 7.94
CA GLY A 329 -18.87 -4.82 8.62
C GLY A 329 -17.91 -5.74 7.89
N ALA A 330 -17.91 -5.72 6.56
CA ALA A 330 -16.96 -6.51 5.78
C ALA A 330 -15.53 -6.04 6.02
N ARG A 331 -14.57 -6.96 5.92
CA ARG A 331 -13.17 -6.68 6.20
C ARG A 331 -12.39 -6.36 4.92
N TRP A 332 -11.21 -5.74 5.10
CA TRP A 332 -10.45 -5.21 3.97
C TRP A 332 -10.07 -6.31 2.96
N ALA A 333 -9.79 -7.52 3.44
CA ALA A 333 -9.38 -8.56 2.48
C ALA A 333 -10.53 -8.94 1.54
N GLU A 334 -11.79 -8.84 1.98
CA GLU A 334 -12.86 -9.17 1.05
C GLU A 334 -13.42 -7.93 0.33
N THR A 335 -13.37 -6.73 0.93
CA THR A 335 -13.77 -5.56 0.15
C THR A 335 -12.70 -5.16 -0.86
N GLY A 336 -11.42 -5.31 -0.49
CA GLY A 336 -10.37 -5.02 -1.45
C GLY A 336 -10.43 -5.92 -2.67
N THR A 337 -10.66 -7.21 -2.44
CA THR A 337 -10.84 -8.14 -3.55
C THR A 337 -11.98 -7.70 -4.46
N ASP A 338 -13.08 -7.25 -3.86
CA ASP A 338 -14.24 -6.80 -4.62
C ASP A 338 -13.86 -5.65 -5.57
N ILE A 339 -13.11 -4.66 -5.09
CA ILE A 339 -12.71 -3.54 -5.95
C ILE A 339 -11.78 -4.03 -7.07
N CYS A 340 -10.91 -4.99 -6.76
CA CYS A 340 -9.96 -5.49 -7.77
C CYS A 340 -10.65 -6.30 -8.85
N ILE A 341 -11.58 -7.17 -8.48
CA ILE A 341 -12.23 -7.96 -9.51
C ILE A 341 -13.26 -7.13 -10.26
N MET A 342 -13.81 -6.09 -9.60
CA MET A 342 -14.59 -5.09 -10.34
C MET A 342 -13.75 -4.47 -11.44
N SER A 343 -12.55 -4.00 -11.09
CA SER A 343 -11.73 -3.20 -11.99
C SER A 343 -11.12 -4.02 -13.11
N ALA A 344 -10.81 -5.30 -12.86
CA ALA A 344 -10.14 -6.14 -13.85
C ALA A 344 -11.10 -7.06 -14.59
N LEU A 345 -12.13 -7.58 -13.91
CA LEU A 345 -12.97 -8.65 -14.44
C LEU A 345 -14.43 -8.27 -14.60
N GLY A 346 -14.85 -7.10 -14.09
CA GLY A 346 -16.25 -6.75 -14.11
C GLY A 346 -17.11 -7.55 -13.14
N SER A 347 -16.50 -8.34 -12.27
CA SER A 347 -17.25 -9.23 -11.39
C SER A 347 -17.38 -8.59 -10.01
N LYS A 348 -17.69 -9.40 -9.00
CA LYS A 348 -18.00 -8.87 -7.68
C LYS A 348 -17.93 -9.99 -6.64
N GLU A 349 -17.67 -9.59 -5.40
CA GLU A 349 -17.91 -10.47 -4.25
C GLU A 349 -19.40 -10.52 -3.94
N ARG A 350 -19.88 -11.67 -3.49
CA ARG A 350 -21.32 -11.88 -3.30
C ARG A 350 -21.63 -12.26 -1.86
N THR A 351 -22.60 -11.57 -1.25
CA THR A 351 -23.07 -12.01 0.05
C THR A 351 -23.86 -13.30 -0.09
N GLN A 352 -24.24 -13.87 1.05
CA GLN A 352 -25.03 -15.11 1.00
C GLN A 352 -26.33 -14.89 0.24
N ARG A 353 -27.00 -13.75 0.48
CA ARG A 353 -28.24 -13.49 -0.24
C ARG A 353 -28.00 -13.27 -1.72
N GLN A 354 -26.85 -12.71 -2.11
CA GLN A 354 -26.57 -12.55 -3.53
C GLN A 354 -26.23 -13.89 -4.18
N TRP A 355 -25.56 -14.78 -3.45
CA TRP A 355 -25.34 -16.14 -3.96
C TRP A 355 -26.66 -16.87 -4.19
N GLU A 356 -27.58 -16.78 -3.22
CA GLU A 356 -28.88 -17.44 -3.36
C GLU A 356 -29.70 -16.88 -4.51
N GLU A 357 -29.66 -15.56 -4.72
CA GLU A 357 -30.42 -14.99 -5.81
C GLU A 357 -29.85 -15.46 -7.15
N LEU A 358 -28.52 -15.47 -7.28
CA LEU A 358 -27.90 -16.00 -8.48
C LEU A 358 -28.27 -17.46 -8.70
N ALA A 359 -28.16 -18.29 -7.66
CA ALA A 359 -28.42 -19.72 -7.84
C ALA A 359 -29.88 -19.99 -8.15
N ALA A 360 -30.79 -19.21 -7.58
CA ALA A 360 -32.21 -19.36 -7.89
C ALA A 360 -32.49 -19.16 -9.37
N LYS A 361 -31.74 -18.30 -10.05
CA LYS A 361 -31.96 -18.13 -11.48
C LYS A 361 -31.60 -19.37 -12.28
N ALA A 362 -30.79 -20.28 -11.71
CA ALA A 362 -30.41 -21.51 -12.39
C ALA A 362 -31.25 -22.69 -11.97
N GLY A 363 -32.23 -22.49 -11.10
CA GLY A 363 -33.06 -23.56 -10.60
C GLY A 363 -32.58 -24.21 -9.33
N LEU A 364 -31.81 -23.49 -8.52
CA LEU A 364 -31.15 -24.12 -7.38
C LEU A 364 -31.60 -23.48 -6.07
N GLN A 365 -31.50 -24.24 -4.99
CA GLN A 365 -31.75 -23.70 -3.66
C GLN A 365 -30.67 -24.15 -2.70
N LEU A 366 -30.27 -23.24 -1.81
CA LEU A 366 -29.23 -23.52 -0.83
C LEU A 366 -29.73 -24.51 0.21
N GLN A 367 -28.98 -25.60 0.43
CA GLN A 367 -29.29 -26.58 1.46
C GLN A 367 -28.48 -26.37 2.73
N ALA A 368 -27.22 -25.96 2.62
CA ALA A 368 -26.29 -25.94 3.73
C ALA A 368 -25.13 -25.00 3.39
N LEU A 369 -24.50 -24.43 4.42
CA LEU A 369 -23.40 -23.49 4.24
C LEU A 369 -22.36 -23.80 5.31
N TYR A 370 -21.13 -24.13 4.90
CA TYR A 370 -20.12 -24.62 5.83
C TYR A 370 -18.92 -23.69 5.77
N GLN A 371 -18.88 -22.72 6.69
CA GLN A 371 -17.74 -21.82 6.74
C GLN A 371 -16.50 -22.58 7.19
N TYR A 372 -15.35 -22.18 6.65
CA TYR A 372 -14.10 -22.80 7.09
C TYR A 372 -12.97 -21.81 7.31
N THR A 373 -13.17 -20.51 7.08
CA THR A 373 -12.22 -19.47 7.47
C THR A 373 -12.96 -18.35 8.20
N TRP A 374 -12.21 -17.65 9.07
CA TRP A 374 -12.72 -16.57 9.90
C TRP A 374 -11.55 -15.66 10.20
N PRO A 375 -11.77 -14.33 10.35
CA PRO A 375 -13.06 -13.65 10.25
C PRO A 375 -13.51 -13.36 8.82
N VAL A 376 -12.58 -13.38 7.87
CA VAL A 376 -12.95 -13.27 6.46
C VAL A 376 -13.49 -14.64 6.05
N VAL A 377 -14.74 -14.68 5.61
CA VAL A 377 -15.44 -15.96 5.51
C VAL A 377 -15.32 -16.50 4.09
N ASN A 378 -14.74 -17.69 4.00
CA ASN A 378 -14.90 -18.58 2.88
C ASN A 378 -15.75 -19.76 3.32
N ALA A 379 -16.62 -20.21 2.46
CA ALA A 379 -17.59 -21.22 2.83
C ALA A 379 -17.84 -22.12 1.64
N ALA A 380 -18.11 -23.39 1.93
CA ALA A 380 -18.68 -24.30 0.96
C ALA A 380 -20.21 -24.21 1.08
N MET A 381 -20.86 -23.74 0.04
CA MET A 381 -22.31 -23.63 0.00
C MET A 381 -22.86 -24.76 -0.85
N VAL A 382 -23.81 -25.52 -0.31
CA VAL A 382 -24.33 -26.71 -0.96
C VAL A 382 -25.72 -26.39 -1.52
N PHE A 383 -25.86 -26.52 -2.84
CA PHE A 383 -27.09 -26.23 -3.55
C PHE A 383 -27.64 -27.51 -4.18
N SER A 384 -28.96 -27.65 -4.17
CA SER A 384 -29.66 -28.73 -4.84
C SER A 384 -30.67 -28.13 -5.83
N LEU A 385 -31.23 -28.97 -6.69
CA LEU A 385 -32.33 -28.51 -7.54
C LEU A 385 -33.54 -28.16 -6.68
N GLN A 386 -34.28 -27.13 -7.08
CA GLN A 386 -35.52 -26.75 -6.38
C GLN A 386 -36.56 -27.86 -6.45
N GLU B 1 -14.69 -10.10 25.27
CA GLU B 1 -13.95 -10.57 24.11
C GLU B 1 -12.53 -9.97 24.08
N THR B 2 -11.59 -10.82 23.69
CA THR B 2 -10.17 -10.49 23.74
C THR B 2 -9.86 -9.28 22.89
N VAL B 3 -10.42 -9.24 21.68
CA VAL B 3 -10.13 -8.18 20.73
C VAL B 3 -10.60 -6.84 21.28
N ALA B 4 -11.82 -6.82 21.83
CA ALA B 4 -12.30 -5.59 22.45
C ALA B 4 -11.37 -5.16 23.58
N ALA B 5 -10.91 -6.12 24.39
CA ALA B 5 -10.03 -5.77 25.51
C ALA B 5 -8.68 -5.23 25.05
N ILE B 6 -8.11 -5.79 23.98
CA ILE B 6 -6.83 -5.26 23.49
C ILE B 6 -6.99 -3.82 23.05
N LYS B 7 -8.06 -3.53 22.31
CA LYS B 7 -8.28 -2.16 21.83
C LYS B 7 -8.45 -1.20 22.99
N THR B 8 -9.22 -1.61 24.00
CA THR B 8 -9.44 -0.75 25.17
C THR B 8 -8.12 -0.42 25.85
N LEU B 9 -7.25 -1.42 26.03
CA LEU B 9 -6.04 -1.16 26.80
C LEU B 9 -5.01 -0.40 26.01
N ILE B 10 -4.92 -0.65 24.69
CA ILE B 10 -4.00 0.13 23.86
C ILE B 10 -4.47 1.57 23.77
N GLN B 11 -5.77 1.78 23.64
CA GLN B 11 -6.31 3.13 23.58
C GLN B 11 -6.02 3.88 24.86
N GLN B 12 -6.15 3.21 26.02
CA GLN B 12 -5.87 3.90 27.27
C GLN B 12 -4.40 4.25 27.37
N LEU B 13 -3.50 3.34 27.00
CA LEU B 13 -2.08 3.67 27.01
C LEU B 13 -1.78 4.81 26.05
N ALA B 14 -2.41 4.81 24.86
CA ALA B 14 -2.17 5.87 23.89
C ALA B 14 -2.61 7.24 24.41
N GLN B 15 -3.79 7.32 25.03
CA GLN B 15 -4.26 8.60 25.57
C GLN B 15 -3.31 9.14 26.62
N SER B 16 -2.62 8.27 27.33
CA SER B 16 -1.82 8.70 28.46
C SER B 16 -0.45 9.25 28.06
N THR B 17 -0.03 9.12 26.81
CA THR B 17 1.29 9.58 26.41
C THR B 17 1.14 10.78 25.47
N ASP B 18 2.25 11.23 24.90
CA ASP B 18 2.20 12.37 24.01
C ASP B 18 2.27 11.86 22.57
N GLN B 19 2.39 12.79 21.61
CA GLN B 19 2.37 12.36 20.20
C GLN B 19 3.57 11.50 19.86
N PHE B 20 4.69 11.73 20.52
CA PHE B 20 5.87 10.90 20.25
C PHE B 20 5.67 9.48 20.77
N GLY B 21 5.08 9.34 21.96
CA GLY B 21 4.77 8.02 22.48
C GLY B 21 3.72 7.31 21.64
N ARG B 22 2.74 8.06 21.11
CA ARG B 22 1.74 7.40 20.26
C ARG B 22 2.37 6.90 18.98
N ALA B 23 3.28 7.68 18.39
CA ALA B 23 4.00 7.21 17.21
C ALA B 23 4.80 5.95 17.51
N GLU B 24 5.40 5.89 18.71
CA GLU B 24 6.12 4.70 19.12
C GLU B 24 5.18 3.49 19.21
N ILE B 25 4.00 3.69 19.79
CA ILE B 25 3.03 2.60 19.88
C ILE B 25 2.58 2.15 18.49
N ASN B 26 2.37 3.10 17.58
CA ASN B 26 1.89 2.77 16.24
C ASN B 26 2.92 1.93 15.48
N ASP B 27 4.20 2.29 15.61
CA ASP B 27 5.23 1.50 14.96
C ASP B 27 5.29 0.09 15.55
N ALA B 28 5.03 -0.03 16.85
CA ALA B 28 5.01 -1.34 17.48
C ALA B 28 3.81 -2.17 17.03
N LEU B 29 2.65 -1.54 16.84
CA LEU B 29 1.49 -2.28 16.31
C LEU B 29 1.74 -2.76 14.90
N ARG B 30 2.36 -1.92 14.07
CA ARG B 30 2.75 -2.35 12.73
C ARG B 30 3.67 -3.57 12.79
N GLU B 31 4.69 -3.51 13.64
CA GLU B 31 5.64 -4.61 13.70
C GLU B 31 4.95 -5.89 14.16
N LEU B 32 3.97 -5.78 15.07
CA LEU B 32 3.25 -6.98 15.51
C LEU B 32 2.42 -7.57 14.38
N GLN B 33 1.71 -6.71 13.65
CA GLN B 33 0.91 -7.19 12.52
C GLN B 33 1.76 -7.99 11.55
N TYR B 34 2.91 -7.44 11.16
CA TYR B 34 3.74 -8.09 10.16
C TYR B 34 4.27 -9.43 10.68
N SER B 35 4.59 -9.51 11.96
CA SER B 35 5.11 -10.77 12.48
C SER B 35 4.01 -11.80 12.71
N LEU B 36 2.75 -11.37 12.89
CA LEU B 36 1.65 -12.28 13.22
C LEU B 36 0.87 -12.76 12.00
N GLU B 37 1.03 -12.13 10.85
CA GLU B 37 0.26 -12.51 9.68
C GLU B 37 0.76 -13.83 9.10
N THR B 38 -0.13 -14.57 8.47
CA THR B 38 0.31 -15.77 7.79
C THR B 38 0.99 -15.42 6.47
N PRO B 39 1.71 -16.37 5.87
CA PRO B 39 2.29 -16.12 4.53
C PRO B 39 1.28 -15.66 3.48
N PHE B 40 0.13 -16.32 3.38
CA PHE B 40 -0.90 -15.84 2.46
C PHE B 40 -1.36 -14.43 2.81
N ASP B 41 -1.48 -14.12 4.11
CA ASP B 41 -1.88 -12.78 4.56
C ASP B 41 -0.88 -11.71 4.12
N THR B 42 0.40 -12.07 4.10
CA THR B 42 1.41 -11.10 3.71
C THR B 42 1.22 -10.68 2.26
N VAL B 43 0.96 -11.65 1.39
CA VAL B 43 0.79 -11.32 -0.02
C VAL B 43 -0.49 -10.55 -0.25
N MET B 44 -1.58 -10.93 0.42
CA MET B 44 -2.83 -10.20 0.27
C MET B 44 -2.69 -8.75 0.74
N ARG B 45 -2.03 -8.55 1.88
CA ARG B 45 -1.81 -7.21 2.41
C ARG B 45 -1.00 -6.38 1.43
N MET B 46 0.13 -6.91 0.97
CA MET B 46 0.95 -6.21 -0.01
C MET B 46 0.14 -5.88 -1.25
N SER B 47 -0.66 -6.84 -1.72
CA SER B 47 -1.46 -6.65 -2.92
C SER B 47 -2.51 -5.56 -2.73
N LEU B 48 -3.33 -5.67 -1.67
CA LEU B 48 -4.54 -4.86 -1.57
C LEU B 48 -4.32 -3.50 -0.91
N ASP B 49 -3.23 -3.30 -0.18
CA ASP B 49 -3.09 -1.99 0.45
C ASP B 49 -2.87 -0.86 -0.55
N THR B 50 -2.55 -1.16 -1.81
CA THR B 50 -2.50 -0.12 -2.82
C THR B 50 -3.89 0.32 -3.29
N CYS B 51 -4.93 -0.48 -3.05
CA CYS B 51 -6.28 -0.01 -3.32
C CYS B 51 -6.60 1.27 -2.59
N GLN B 52 -5.97 1.50 -1.44
CA GLN B 52 -6.33 2.64 -0.61
C GLN B 52 -6.11 3.96 -1.35
N VAL B 53 -4.97 4.11 -2.02
CA VAL B 53 -4.68 5.37 -2.72
C VAL B 53 -5.61 5.53 -3.90
N ALA B 54 -5.86 4.45 -4.62
CA ALA B 54 -6.76 4.51 -5.78
C ALA B 54 -8.15 4.93 -5.35
N VAL B 55 -8.65 4.36 -4.25
CA VAL B 55 -10.01 4.68 -3.82
C VAL B 55 -10.08 6.07 -3.18
N ALA B 56 -9.01 6.48 -2.48
CA ALA B 56 -8.96 7.87 -1.99
C ALA B 56 -9.02 8.84 -3.16
N ARG B 57 -8.27 8.55 -4.23
CA ARG B 57 -8.30 9.39 -5.42
C ARG B 57 -9.72 9.53 -5.98
N ILE B 58 -10.48 8.44 -6.00
CA ILE B 58 -11.85 8.49 -6.51
C ILE B 58 -12.74 9.31 -5.59
N GLY B 59 -12.60 9.12 -4.27
CA GLY B 59 -13.42 9.89 -3.36
C GLY B 59 -13.05 11.36 -3.40
N SER B 60 -11.78 11.66 -3.65
CA SER B 60 -11.36 13.03 -3.88
C SER B 60 -11.98 13.60 -5.14
N ASP B 61 -11.96 12.83 -6.24
CA ASP B 61 -12.57 13.29 -7.48
C ASP B 61 -14.06 13.58 -7.31
N LEU B 62 -14.75 12.76 -6.52
CA LEU B 62 -16.18 12.92 -6.29
C LEU B 62 -16.51 13.95 -5.21
N GLY B 63 -15.53 14.45 -4.48
CA GLY B 63 -15.85 15.35 -3.39
C GLY B 63 -16.47 14.66 -2.21
N LEU B 64 -16.31 13.34 -2.10
CA LEU B 64 -16.99 12.57 -1.07
C LEU B 64 -16.51 12.95 0.33
N PHE B 65 -15.20 13.06 0.52
CA PHE B 65 -14.70 13.27 1.88
C PHE B 65 -15.06 14.66 2.39
N LYS B 66 -14.95 15.68 1.53
CA LYS B 66 -15.41 17.02 1.89
C LYS B 66 -16.91 17.04 2.19
N HIS B 67 -17.70 16.33 1.38
CA HIS B 67 -19.14 16.28 1.62
C HIS B 67 -19.45 15.62 2.95
N LEU B 68 -18.94 14.40 3.16
CA LEU B 68 -19.30 13.65 4.35
C LEU B 68 -18.83 14.34 5.61
N SER B 69 -17.71 15.05 5.54
CA SER B 69 -17.20 15.71 6.72
C SER B 69 -18.08 16.86 7.16
N GLN B 70 -18.92 17.40 6.27
CA GLN B 70 -19.87 18.46 6.62
C GLN B 70 -21.27 17.94 6.94
N CYS B 71 -21.50 16.63 6.91
CA CYS B 71 -22.85 16.10 7.08
C CYS B 71 -23.22 16.01 8.55
N ALA B 72 -24.45 16.40 8.87
CA ALA B 72 -24.92 16.43 10.25
C ALA B 72 -25.53 15.11 10.70
N SER B 73 -25.66 14.12 9.82
CA SER B 73 -26.23 12.84 10.21
C SER B 73 -25.68 11.77 9.29
N PRO B 74 -25.79 10.49 9.67
CA PRO B 74 -25.37 9.40 8.79
C PRO B 74 -26.07 9.47 7.44
N GLN B 75 -25.35 9.11 6.39
CA GLN B 75 -25.87 9.12 5.02
C GLN B 75 -25.90 7.71 4.47
N SER B 76 -26.99 7.35 3.81
CA SER B 76 -27.00 6.08 3.10
C SER B 76 -26.17 6.18 1.83
N ALA B 77 -25.79 5.01 1.28
CA ALA B 77 -25.04 5.00 0.03
C ALA B 77 -25.83 5.61 -1.12
N GLU B 78 -27.16 5.44 -1.15
CA GLU B 78 -27.99 6.02 -2.20
C GLU B 78 -27.97 7.54 -2.13
N GLU B 79 -28.04 8.09 -0.92
CA GLU B 79 -28.04 9.54 -0.78
C GLU B 79 -26.71 10.14 -1.22
N LEU B 80 -25.61 9.47 -0.90
CA LEU B 80 -24.31 9.92 -1.36
C LEU B 80 -24.16 9.76 -2.86
N ALA B 81 -24.55 8.59 -3.40
CA ALA B 81 -24.48 8.41 -4.85
C ALA B 81 -25.22 9.53 -5.58
N ASP B 82 -26.47 9.79 -5.19
CA ASP B 82 -27.29 10.75 -5.91
C ASP B 82 -26.78 12.16 -5.74
N HIS B 83 -26.31 12.50 -4.54
CA HIS B 83 -25.76 13.83 -4.32
C HIS B 83 -24.50 14.06 -5.14
N LEU B 84 -23.64 13.05 -5.24
CA LEU B 84 -22.30 13.23 -5.81
C LEU B 84 -22.20 12.85 -7.28
N GLY B 85 -23.27 12.33 -7.89
CA GLY B 85 -23.23 11.96 -9.30
C GLY B 85 -22.50 10.65 -9.59
N CYS B 86 -22.75 9.63 -8.77
CA CYS B 86 -22.09 8.34 -8.89
C CYS B 86 -23.15 7.26 -9.03
N GLY B 87 -22.81 6.19 -9.75
CA GLY B 87 -23.70 5.05 -9.79
C GLY B 87 -23.90 4.49 -8.39
N ARG B 88 -25.13 4.05 -8.11
CA ARG B 88 -25.48 3.64 -6.76
C ARG B 88 -24.74 2.36 -6.36
N GLU B 89 -24.62 1.41 -7.28
CA GLU B 89 -23.91 0.17 -6.96
C GLU B 89 -22.42 0.45 -6.79
N LEU B 90 -21.86 1.27 -7.67
CA LEU B 90 -20.46 1.67 -7.53
C LEU B 90 -20.21 2.33 -6.18
N MET B 91 -21.07 3.28 -5.80
CA MET B 91 -20.85 4.03 -4.56
C MET B 91 -21.00 3.12 -3.35
N SER B 92 -21.97 2.19 -3.38
CA SER B 92 -22.12 1.26 -2.28
C SER B 92 -20.86 0.42 -2.08
N ARG B 93 -20.28 -0.09 -3.17
CA ARG B 93 -19.10 -0.95 -3.04
C ARG B 93 -17.87 -0.15 -2.61
N LEU B 94 -17.75 1.10 -3.06
CA LEU B 94 -16.64 1.96 -2.64
C LEU B 94 -16.73 2.28 -1.15
N LEU B 95 -17.92 2.66 -0.68
CA LEU B 95 -18.15 2.91 0.75
C LEU B 95 -17.88 1.66 1.59
N ARG B 96 -18.32 0.48 1.16
CA ARG B 96 -18.01 -0.72 1.93
C ARG B 96 -16.51 -0.89 2.05
N TYR B 97 -15.79 -0.71 0.94
CA TYR B 97 -14.35 -0.83 1.02
C TYR B 97 -13.75 0.27 1.89
N MET B 98 -14.24 1.51 1.77
CA MET B 98 -13.67 2.58 2.57
C MET B 98 -13.89 2.33 4.05
N ALA B 99 -15.07 1.82 4.42
CA ALA B 99 -15.33 1.57 5.84
C ALA B 99 -14.41 0.48 6.39
N SER B 100 -14.11 -0.52 5.58
CA SER B 100 -13.25 -1.61 6.04
C SER B 100 -11.82 -1.15 6.29
N VAL B 101 -11.42 0.03 5.79
CA VAL B 101 -10.09 0.54 6.08
C VAL B 101 -10.16 1.89 6.81
N ARG B 102 -11.31 2.17 7.44
CA ARG B 102 -11.56 3.33 8.29
C ARG B 102 -11.48 4.65 7.53
N MET B 103 -11.57 4.65 6.19
CA MET B 103 -11.64 5.92 5.49
C MET B 103 -13.00 6.60 5.68
N VAL B 104 -14.04 5.82 5.96
CA VAL B 104 -15.30 6.30 6.53
C VAL B 104 -15.68 5.37 7.67
N GLN B 105 -16.74 5.70 8.39
CA GLN B 105 -17.30 4.80 9.39
C GLN B 105 -18.66 4.31 8.92
N GLN B 106 -18.89 3.00 8.98
CA GLN B 106 -20.19 2.43 8.67
C GLN B 106 -20.96 2.25 9.97
N THR B 107 -22.23 2.66 9.99
CA THR B 107 -23.05 2.49 11.18
C THR B 107 -23.75 1.14 11.16
N ASP B 108 -24.41 0.82 12.27
CA ASP B 108 -25.10 -0.46 12.36
C ASP B 108 -26.29 -0.58 11.41
N ASP B 109 -26.86 0.52 10.93
CA ASP B 109 -27.89 0.41 9.90
C ASP B 109 -27.34 0.70 8.51
N ILE B 110 -26.03 0.49 8.31
CA ILE B 110 -25.39 0.53 7.00
C ILE B 110 -25.56 1.93 6.39
N LYS B 111 -25.28 2.94 7.20
CA LYS B 111 -25.11 4.29 6.68
C LYS B 111 -23.69 4.73 7.01
N TYR B 112 -23.33 5.96 6.65
CA TYR B 112 -21.92 6.30 6.66
C TYR B 112 -21.72 7.69 7.27
N ILE B 113 -20.66 7.81 8.07
CA ILE B 113 -20.31 9.04 8.74
C ILE B 113 -18.81 9.22 8.64
N SER B 114 -18.36 10.42 8.95
CA SER B 114 -16.93 10.74 8.96
C SER B 114 -16.18 9.92 10.01
N SER B 115 -15.01 9.42 9.62
CA SER B 115 -14.01 8.96 10.57
C SER B 115 -12.92 10.02 10.68
N ASN B 116 -11.92 9.79 11.55
CA ASN B 116 -10.77 10.68 11.59
C ASN B 116 -10.12 10.79 10.23
N ILE B 117 -10.11 9.70 9.46
CA ILE B 117 -9.46 9.76 8.16
C ILE B 117 -10.30 10.53 7.16
N THR B 118 -11.63 10.47 7.28
CA THR B 118 -12.46 11.28 6.39
C THR B 118 -12.08 12.74 6.54
N GLN B 119 -11.93 13.18 7.78
CA GLN B 119 -11.65 14.58 8.07
C GLN B 119 -10.28 14.98 7.51
N THR B 120 -9.29 14.09 7.65
CA THR B 120 -7.97 14.31 7.09
C THR B 120 -8.04 14.53 5.58
N LEU B 121 -8.70 13.62 4.86
CA LEU B 121 -8.78 13.71 3.42
C LEU B 121 -9.62 14.89 2.94
N ALA B 122 -10.43 15.47 3.81
CA ALA B 122 -11.14 16.70 3.50
C ALA B 122 -10.25 17.94 3.59
N VAL B 123 -9.09 17.86 4.23
CA VAL B 123 -8.20 19.02 4.35
C VAL B 123 -7.46 19.21 3.02
N PRO B 124 -7.54 20.40 2.41
CA PRO B 124 -6.95 20.58 1.06
C PRO B 124 -5.47 20.21 0.93
N GLY B 125 -4.62 20.63 1.86
CA GLY B 125 -3.20 20.29 1.75
C GLY B 125 -2.93 18.80 1.97
N LEU B 126 -3.71 18.15 2.84
CA LEU B 126 -3.53 16.70 3.00
C LEU B 126 -4.11 15.96 1.81
N GLU B 127 -5.29 16.36 1.33
CA GLU B 127 -5.81 15.80 0.10
C GLU B 127 -4.81 15.91 -1.04
N ALA B 128 -4.15 17.07 -1.14
CA ALA B 128 -3.17 17.28 -2.22
C ALA B 128 -1.97 16.34 -2.08
N GLY B 129 -1.57 16.01 -0.85
CA GLY B 129 -0.50 15.03 -0.67
C GLY B 129 -0.87 13.65 -1.20
N MET B 130 -2.10 13.21 -0.94
CA MET B 130 -2.60 11.95 -1.47
C MET B 130 -2.67 11.97 -3.00
N ARG B 131 -3.20 13.06 -3.57
CA ARG B 131 -3.28 13.16 -5.02
C ARG B 131 -1.89 13.17 -5.66
N HIS B 132 -0.91 13.77 -4.99
CA HIS B 132 0.47 13.74 -5.46
C HIS B 132 1.03 12.31 -5.45
N ALA B 133 0.76 11.56 -4.38
CA ALA B 133 1.19 10.17 -4.33
C ALA B 133 0.63 9.39 -5.51
N PHE B 134 -0.65 9.59 -5.81
CA PHE B 134 -1.28 8.84 -6.89
C PHE B 134 -0.71 9.23 -8.26
N GLU B 135 -0.61 10.53 -8.55
CA GLU B 135 -0.32 10.94 -9.92
C GLU B 135 1.17 11.08 -10.22
N ASN B 136 2.01 11.35 -9.22
CA ASN B 136 3.44 11.54 -9.41
C ASN B 136 4.27 10.39 -8.88
N LEU B 137 3.99 9.92 -7.67
CA LEU B 137 4.84 8.92 -7.07
C LEU B 137 4.56 7.53 -7.64
N TRP B 138 3.28 7.17 -7.77
CA TRP B 138 2.91 5.84 -8.24
C TRP B 138 3.53 5.44 -9.57
N PRO B 139 3.52 6.29 -10.62
CA PRO B 139 4.14 5.87 -11.88
C PRO B 139 5.64 5.67 -11.77
N VAL B 140 6.31 6.40 -10.87
CA VAL B 140 7.75 6.24 -10.70
C VAL B 140 8.07 4.93 -10.00
N LEU B 141 7.32 4.62 -8.93
CA LEU B 141 7.50 3.31 -8.28
C LEU B 141 7.16 2.18 -9.23
N MET B 142 6.12 2.36 -10.04
CA MET B 142 5.76 1.36 -11.03
C MET B 142 6.89 1.12 -12.03
N ALA B 143 7.71 2.14 -12.31
CA ALA B 143 8.79 2.03 -13.29
C ALA B 143 10.11 1.58 -12.70
N LEU B 144 10.30 1.72 -11.38
CA LEU B 144 11.61 1.45 -10.77
C LEU B 144 12.11 0.01 -10.95
N PRO B 145 11.32 -1.06 -10.71
CA PRO B 145 11.90 -2.41 -10.86
C PRO B 145 12.50 -2.68 -12.24
N ASP B 146 11.75 -2.39 -13.31
CA ASP B 146 12.28 -2.60 -14.65
C ASP B 146 13.43 -1.65 -14.97
N PHE B 147 13.39 -0.42 -14.48
CA PHE B 147 14.48 0.51 -14.72
C PHE B 147 15.80 -0.01 -14.12
N LEU B 148 15.74 -0.49 -12.88
CA LEU B 148 16.96 -1.02 -12.25
C LEU B 148 17.47 -2.27 -12.95
N ALA B 149 16.56 -3.08 -13.48
CA ALA B 149 16.98 -4.30 -14.17
C ALA B 149 17.64 -3.97 -15.50
N GLU B 150 17.06 -3.02 -16.25
CA GLU B 150 17.66 -2.61 -17.53
C GLU B 150 19.09 -2.12 -17.33
N ARG B 151 19.34 -1.36 -16.27
CA ARG B 151 20.65 -0.77 -16.00
C ARG B 151 21.49 -1.64 -15.08
N LYS B 152 21.10 -2.91 -14.91
CA LYS B 152 21.61 -3.87 -13.95
C LYS B 152 22.04 -3.20 -12.65
N TYR B 153 21.06 -2.62 -11.95
CA TYR B 153 21.16 -2.28 -10.55
C TYR B 153 22.26 -1.27 -10.27
N PRO B 154 22.24 -0.13 -10.97
CA PRO B 154 23.21 0.92 -10.69
C PRO B 154 22.88 1.61 -9.37
N ASP B 155 23.87 2.35 -8.87
CA ASP B 155 23.62 3.30 -7.82
C ASP B 155 23.17 4.62 -8.47
N ILE B 156 21.97 5.08 -8.11
CA ILE B 156 21.34 6.22 -8.78
C ILE B 156 21.86 7.51 -8.16
N VAL B 157 22.48 8.37 -8.98
CA VAL B 157 23.11 9.60 -8.49
C VAL B 157 22.72 10.81 -9.34
N ASP B 158 22.04 10.60 -10.46
CA ASP B 158 21.77 11.66 -11.43
C ASP B 158 20.27 11.92 -11.51
N ALA B 159 19.85 13.16 -11.23
CA ALA B 159 18.44 13.49 -11.24
C ALA B 159 17.83 13.42 -12.63
N LYS B 160 18.65 13.45 -13.67
CA LYS B 160 18.18 13.34 -15.04
C LYS B 160 18.27 11.93 -15.59
N ASP B 161 18.71 10.97 -14.75
CA ASP B 161 18.81 9.59 -15.16
C ASP B 161 18.29 8.68 -14.05
N THR B 162 16.98 8.70 -13.83
CA THR B 162 16.37 7.85 -12.82
C THR B 162 15.03 7.35 -13.35
N ALA B 163 14.25 6.71 -12.47
CA ALA B 163 13.00 6.07 -12.91
C ALA B 163 11.99 7.09 -13.40
N PHE B 164 12.11 8.34 -12.94
CA PHE B 164 11.16 9.37 -13.35
C PHE B 164 11.15 9.55 -14.87
N GLN B 165 12.32 9.55 -15.50
CA GLN B 165 12.37 9.79 -16.94
C GLN B 165 11.68 8.66 -17.71
N LYS B 166 11.93 7.43 -17.30
CA LYS B 166 11.24 6.29 -17.91
C LYS B 166 9.73 6.38 -17.67
N ALA B 167 9.32 6.69 -16.44
CA ALA B 167 7.89 6.63 -16.12
C ALA B 167 7.10 7.67 -16.90
N PHE B 168 7.67 8.86 -17.11
CA PHE B 168 6.95 9.92 -17.78
C PHE B 168 7.49 10.20 -19.19
N ASN B 169 8.39 9.37 -19.69
CA ASN B 169 8.82 9.42 -21.09
C ASN B 169 9.30 10.83 -21.46
N THR B 170 10.27 11.31 -20.69
CA THR B 170 10.80 12.65 -20.88
C THR B 170 12.25 12.63 -20.42
N ASP B 171 13.01 13.64 -20.84
CA ASP B 171 14.39 13.76 -20.40
C ASP B 171 14.58 14.93 -19.44
N GLN B 172 13.50 15.64 -19.11
CA GLN B 172 13.59 16.66 -18.08
C GLN B 172 13.71 16.01 -16.72
N ASP B 173 14.36 16.72 -15.79
CA ASP B 173 14.29 16.28 -14.42
C ASP B 173 12.93 16.68 -13.84
N CYS B 174 12.63 16.10 -12.67
CA CYS B 174 11.28 16.21 -12.12
C CYS B 174 10.87 17.66 -11.88
N PHE B 175 11.78 18.50 -11.40
CA PHE B 175 11.41 19.88 -11.08
C PHE B 175 10.99 20.66 -12.31
N HIS B 176 11.74 20.54 -13.41
CA HIS B 176 11.43 21.31 -14.60
C HIS B 176 10.16 20.80 -15.27
N TRP B 177 10.02 19.47 -15.37
CA TRP B 177 8.85 18.87 -16.00
C TRP B 177 7.56 19.26 -15.27
N LEU B 178 7.61 19.29 -13.93
CA LEU B 178 6.41 19.60 -13.16
C LEU B 178 5.88 20.99 -13.48
N ALA B 179 6.79 21.94 -13.76
CA ALA B 179 6.38 23.30 -14.09
C ALA B 179 5.63 23.37 -15.42
N THR B 180 5.83 22.41 -16.32
CA THR B 180 5.14 22.39 -17.60
C THR B 180 3.79 21.67 -17.56
N GLN B 181 3.33 21.25 -16.37
CA GLN B 181 2.08 20.49 -16.24
C GLN B 181 1.09 21.23 -15.36
N PRO B 182 0.13 21.95 -15.95
CA PRO B 182 -0.67 22.92 -15.15
C PRO B 182 -1.44 22.31 -13.97
N THR B 183 -2.12 21.17 -14.16
CA THR B 183 -2.87 20.62 -13.04
C THR B 183 -1.95 20.08 -11.94
N ARG B 184 -0.75 19.62 -12.31
CA ARG B 184 0.15 19.09 -11.29
C ARG B 184 0.79 20.21 -10.47
N ILE B 185 1.13 21.34 -11.11
CA ILE B 185 1.67 22.44 -10.34
C ILE B 185 0.58 23.05 -9.46
N ALA B 186 -0.66 23.08 -9.94
CA ALA B 186 -1.77 23.57 -9.13
C ALA B 186 -1.96 22.71 -7.88
N ASN B 187 -1.93 21.38 -8.02
CA ASN B 187 -1.99 20.52 -6.85
C ASN B 187 -0.83 20.81 -5.92
N PHE B 188 0.38 20.93 -6.49
CA PHE B 188 1.58 21.12 -5.68
C PHE B 188 1.44 22.38 -4.82
N LYS B 189 0.85 23.43 -5.38
CA LYS B 189 0.68 24.65 -4.62
C LYS B 189 -0.30 24.47 -3.47
N VAL B 190 -1.33 23.64 -3.64
CA VAL B 190 -2.19 23.34 -2.50
C VAL B 190 -1.42 22.52 -1.46
N LEU B 191 -0.61 21.55 -1.94
CA LEU B 191 0.23 20.76 -1.05
C LEU B 191 1.07 21.64 -0.12
N LEU B 192 1.57 22.77 -0.62
CA LEU B 192 2.42 23.63 0.20
C LEU B 192 1.67 24.26 1.37
N THR B 193 0.33 24.29 1.32
CA THR B 193 -0.47 24.86 2.40
C THR B 193 -0.50 24.00 3.65
N ASP B 194 -0.21 22.70 3.52
CA ASP B 194 -0.09 21.86 4.71
C ASP B 194 1.14 22.27 5.52
N GLU B 195 0.95 22.50 6.81
CA GLU B 195 2.03 22.89 7.71
C GLU B 195 2.36 21.74 8.64
N ARG B 196 3.57 21.22 8.56
CA ARG B 196 3.98 20.14 9.43
C ARG B 196 4.07 20.64 10.88
N THR B 197 3.73 19.76 11.81
CA THR B 197 3.82 20.01 13.24
C THR B 197 4.37 18.78 13.95
N PRO B 198 5.22 18.95 14.98
CA PRO B 198 5.76 20.21 15.51
C PRO B 198 6.84 20.76 14.59
N ASN B 199 7.34 21.95 14.86
CA ASN B 199 8.39 22.54 14.03
C ASN B 199 9.62 22.81 14.89
N PHE B 200 10.67 23.29 14.22
CA PHE B 200 11.99 23.36 14.85
C PHE B 200 12.03 24.37 15.99
N LEU B 201 11.12 25.35 15.98
CA LEU B 201 11.10 26.35 17.04
C LEU B 201 10.71 25.77 18.39
N SER B 202 10.19 24.53 18.44
CA SER B 202 9.83 23.93 19.72
C SER B 202 11.04 23.54 20.55
N THR B 203 12.19 23.32 19.90
CA THR B 203 13.41 23.00 20.62
C THR B 203 14.58 23.89 20.24
N PHE B 204 14.39 24.85 19.34
CA PHE B 204 15.51 25.66 18.86
C PHE B 204 15.78 26.78 19.87
N PRO B 205 16.94 26.83 20.48
CA PRO B 205 17.26 27.85 21.49
C PRO B 205 17.72 29.13 20.80
N LEU B 206 16.74 29.95 20.40
CA LEU B 206 17.04 31.09 19.54
C LEU B 206 17.99 32.05 20.25
N GLU B 207 17.67 32.41 21.50
CA GLU B 207 18.48 33.42 22.19
C GLU B 207 19.91 32.95 22.38
N LYS B 208 20.11 31.69 22.77
CA LYS B 208 21.46 31.18 22.94
C LYS B 208 22.23 31.22 21.62
N GLU B 209 21.60 30.76 20.53
CA GLU B 209 22.23 30.83 19.21
C GLU B 209 22.44 32.28 18.77
N LEU B 210 21.55 33.18 19.15
CA LEU B 210 21.72 34.59 18.78
C LEU B 210 22.91 35.20 19.51
N GLY B 211 22.99 34.95 20.81
CA GLY B 211 24.02 35.58 21.62
C GLY B 211 23.81 37.08 21.62
N SER B 212 24.85 37.81 21.26
CA SER B 212 24.83 39.26 21.26
C SER B 212 24.58 39.86 19.89
N TRP B 213 24.21 39.04 18.90
CA TRP B 213 23.99 39.53 17.54
C TRP B 213 23.09 40.77 17.53
N SER B 214 23.47 41.75 16.73
CA SER B 214 22.67 42.96 16.59
C SER B 214 22.17 43.06 15.15
N ALA B 215 20.91 43.46 15.00
CA ALA B 215 20.32 43.68 13.69
C ALA B 215 20.69 45.01 13.08
N GLU B 216 21.46 45.83 13.79
CA GLU B 216 21.81 47.15 13.27
C GLU B 216 22.94 47.03 12.25
N PRO B 217 22.83 47.68 11.09
CA PRO B 217 21.78 48.66 10.75
C PRO B 217 20.58 48.13 9.95
N GLU B 218 20.81 47.13 9.07
CA GLU B 218 19.82 46.69 8.08
C GLU B 218 19.80 45.17 7.93
N LYS B 219 20.24 44.42 8.94
CA LYS B 219 20.54 43.02 8.74
C LYS B 219 19.28 42.15 8.83
N ALA B 220 19.33 41.02 8.15
CA ALA B 220 18.24 40.06 8.20
C ALA B 220 18.50 39.08 9.33
N LEU B 221 17.45 38.81 10.11
CA LEU B 221 17.58 37.78 11.13
C LEU B 221 17.43 36.39 10.53
N PHE B 222 16.55 36.24 9.55
CA PHE B 222 16.11 34.92 9.10
C PHE B 222 15.80 35.00 7.61
N VAL B 223 16.49 34.19 6.82
CA VAL B 223 16.23 34.10 5.40
C VAL B 223 15.77 32.67 5.13
N ASP B 224 14.52 32.54 4.70
CA ASP B 224 13.85 31.25 4.53
C ASP B 224 13.98 30.86 3.06
N ILE B 225 14.95 30.01 2.76
CA ILE B 225 15.33 29.74 1.38
C ILE B 225 14.50 28.58 0.84
N GLY B 226 13.74 28.86 -0.20
CA GLY B 226 12.75 27.89 -0.66
C GLY B 226 11.68 27.68 0.39
N GLY B 227 11.21 28.75 1.03
CA GLY B 227 10.31 28.73 2.16
C GLY B 227 8.85 28.46 1.86
N GLY B 228 8.46 28.35 0.60
CA GLY B 228 7.10 27.92 0.29
C GLY B 228 6.10 28.97 0.69
N MET B 229 5.10 28.57 1.49
CA MET B 229 4.13 29.53 2.02
C MET B 229 4.70 30.39 3.15
N GLY B 230 5.92 30.14 3.61
CA GLY B 230 6.50 30.94 4.68
C GLY B 230 6.12 30.54 6.09
N HIS B 231 5.72 29.29 6.32
CA HIS B 231 5.33 28.87 7.67
C HIS B 231 6.44 29.10 8.70
N ALA B 232 7.69 28.78 8.36
CA ALA B 232 8.77 29.02 9.31
C ALA B 232 8.90 30.50 9.67
N CYS B 233 8.72 31.41 8.70
CA CYS B 233 8.77 32.84 8.99
C CYS B 233 7.61 33.27 9.87
N ILE B 234 6.40 32.81 9.54
CA ILE B 234 5.22 33.16 10.31
C ILE B 234 5.38 32.69 11.76
N ARG B 235 5.83 31.45 11.95
CA ARG B 235 5.98 30.91 13.31
C ARG B 235 7.09 31.61 14.06
N LEU B 236 8.18 31.96 13.37
CA LEU B 236 9.25 32.69 14.03
C LEU B 236 8.73 34.02 14.54
N ARG B 237 7.97 34.74 13.72
CA ARG B 237 7.49 36.06 14.12
C ARG B 237 6.48 35.95 15.26
N GLU B 238 5.68 34.88 15.25
CA GLU B 238 4.69 34.69 16.30
C GLU B 238 5.32 34.33 17.63
N LYS B 239 6.44 33.58 17.61
CA LYS B 239 7.05 33.13 18.85
C LYS B 239 8.01 34.16 19.45
N TYR B 240 8.66 34.98 18.63
CA TYR B 240 9.56 36.02 19.09
C TYR B 240 9.13 37.33 18.45
N PRO B 241 7.99 37.87 18.85
CA PRO B 241 7.45 39.05 18.14
C PRO B 241 8.28 40.31 18.35
N ASN B 242 9.23 40.34 19.29
CA ASN B 242 10.01 41.52 19.58
C ASN B 242 11.47 41.40 19.18
N GLN B 243 11.89 40.28 18.60
CA GLN B 243 13.27 40.13 18.15
C GLN B 243 13.51 40.96 16.90
N PRO B 244 14.38 41.96 16.93
CA PRO B 244 14.62 42.77 15.73
C PRO B 244 15.40 42.00 14.67
N GLY B 245 15.28 42.47 13.44
CA GLY B 245 15.98 41.85 12.32
C GLY B 245 14.95 41.53 11.25
N ARG B 246 15.37 41.62 9.99
CA ARG B 246 14.45 41.33 8.92
C ARG B 246 14.17 39.83 8.84
N VAL B 247 12.98 39.49 8.35
CA VAL B 247 12.58 38.11 8.13
C VAL B 247 12.12 38.03 6.69
N ILE B 248 12.79 37.20 5.90
CA ILE B 248 12.68 37.21 4.44
C ILE B 248 12.28 35.83 3.95
N LEU B 249 11.15 35.74 3.25
CA LEU B 249 10.70 34.53 2.58
C LEU B 249 11.20 34.57 1.14
N GLN B 250 12.04 33.62 0.76
CA GLN B 250 12.57 33.53 -0.59
C GLN B 250 12.00 32.31 -1.28
N ASP B 251 11.45 32.50 -2.48
CA ASP B 251 10.95 31.40 -3.30
C ASP B 251 10.82 31.92 -4.72
N LEU B 252 10.26 31.10 -5.60
CA LEU B 252 9.98 31.54 -6.96
C LEU B 252 8.66 32.31 -7.00
N PRO B 253 8.51 33.24 -7.94
CA PRO B 253 7.36 34.18 -7.91
C PRO B 253 6.01 33.49 -7.88
N PRO B 254 5.79 32.36 -8.59
CA PRO B 254 4.43 31.77 -8.55
C PRO B 254 4.05 31.28 -7.17
N VAL B 255 5.03 30.81 -6.39
CA VAL B 255 4.78 30.31 -5.04
C VAL B 255 4.62 31.48 -4.08
N LEU B 256 5.45 32.52 -4.24
CA LEU B 256 5.30 33.72 -3.42
C LEU B 256 3.95 34.38 -3.65
N GLN B 257 3.46 34.34 -4.89
CA GLN B 257 2.12 34.86 -5.17
C GLN B 257 1.05 34.13 -4.35
N ALA B 258 1.09 32.78 -4.37
CA ALA B 258 0.14 32.00 -3.60
C ALA B 258 0.31 32.19 -2.10
N ALA B 259 1.50 32.61 -1.65
CA ALA B 259 1.76 32.83 -0.23
C ALA B 259 1.17 34.12 0.29
N GLN B 260 0.85 35.08 -0.58
CA GLN B 260 0.43 36.41 -0.11
C GLN B 260 -0.88 36.33 0.66
N ALA B 261 -1.80 35.48 0.20
CA ALA B 261 -3.08 35.30 0.88
C ALA B 261 -2.89 34.96 2.36
N THR B 262 -1.84 34.19 2.68
CA THR B 262 -1.62 33.69 4.03
C THR B 262 -0.67 34.56 4.86
N LEU B 263 0.19 35.34 4.22
CA LEU B 263 1.21 36.05 4.95
C LEU B 263 0.60 37.19 5.79
N PRO B 264 1.18 37.48 6.95
CA PRO B 264 0.81 38.71 7.66
C PRO B 264 1.18 39.93 6.84
N LEU B 265 0.43 41.01 7.06
CA LEU B 265 0.59 42.18 6.20
C LEU B 265 1.87 42.96 6.51
N SER B 266 2.48 42.73 7.67
CA SER B 266 3.72 43.39 8.03
C SER B 266 4.63 42.39 8.72
N GLY B 267 5.94 42.59 8.55
CA GLY B 267 6.95 41.84 9.27
C GLY B 267 7.68 40.79 8.46
N ILE B 268 7.14 40.36 7.31
CA ILE B 268 7.77 39.31 6.51
C ILE B 268 7.86 39.75 5.05
N GLU B 269 9.08 39.85 4.53
CA GLU B 269 9.33 40.23 3.15
C GLU B 269 9.30 39.03 2.23
N SER B 270 8.62 39.18 1.08
CA SER B 270 8.60 38.18 0.03
C SER B 270 9.60 38.60 -1.04
N MET B 271 10.68 37.84 -1.19
CA MET B 271 11.76 38.20 -2.10
C MET B 271 11.95 37.09 -3.12
N PRO B 272 11.65 37.31 -4.40
CA PRO B 272 11.90 36.25 -5.39
C PRO B 272 13.39 35.93 -5.46
N HIS B 273 13.69 34.65 -5.41
CA HIS B 273 15.08 34.24 -5.49
C HIS B 273 15.15 32.77 -5.89
N ASN B 274 15.99 32.47 -6.88
CA ASN B 274 16.26 31.11 -7.30
C ASN B 274 17.47 30.61 -6.51
N PHE B 275 17.26 29.55 -5.70
CA PHE B 275 18.36 29.14 -4.83
C PHE B 275 19.48 28.42 -5.60
N HIS B 276 19.35 28.25 -6.91
CA HIS B 276 20.51 27.86 -7.70
C HIS B 276 21.36 29.07 -8.13
N THR B 277 21.05 30.28 -7.65
CA THR B 277 21.82 31.47 -7.97
C THR B 277 22.40 32.10 -6.72
N PRO B 278 23.40 32.99 -6.86
CA PRO B 278 24.04 33.55 -5.66
C PRO B 278 23.03 34.23 -4.73
N GLN B 279 23.22 34.00 -3.45
CA GLN B 279 22.32 34.52 -2.43
C GLN B 279 22.42 36.04 -2.33
N PRO B 280 21.33 36.79 -2.54
CA PRO B 280 21.45 38.26 -2.48
C PRO B 280 21.60 38.83 -1.08
N VAL B 281 21.07 38.19 -0.04
CA VAL B 281 21.07 38.79 1.31
C VAL B 281 22.40 38.51 1.99
N GLN B 282 23.12 39.57 2.33
CA GLN B 282 24.46 39.45 2.89
C GLN B 282 24.43 39.56 4.41
N GLY B 283 25.21 38.72 5.07
CA GLY B 283 25.40 38.82 6.50
C GLY B 283 24.23 38.45 7.36
N ALA B 284 23.27 37.65 6.86
CA ALA B 284 22.13 37.26 7.69
C ALA B 284 22.59 36.44 8.89
N LYS B 285 21.80 36.45 9.95
CA LYS B 285 22.12 35.57 11.07
C LYS B 285 21.86 34.12 10.70
N PHE B 286 20.66 33.83 10.17
CA PHE B 286 20.28 32.44 9.84
C PHE B 286 19.83 32.35 8.38
N TYR B 287 20.53 31.53 7.60
CA TYR B 287 20.05 31.06 6.30
C TYR B 287 19.43 29.66 6.50
N PHE B 288 18.13 29.55 6.26
CA PHE B 288 17.32 28.41 6.70
C PHE B 288 16.90 27.59 5.48
N LEU B 289 17.20 26.30 5.49
CA LEU B 289 16.82 25.40 4.39
C LEU B 289 16.03 24.22 4.97
N ARG B 290 14.71 24.26 4.85
CA ARG B 290 13.86 23.19 5.38
C ARG B 290 13.39 22.30 4.23
N LEU B 291 13.77 21.03 4.26
CA LEU B 291 13.33 20.06 3.27
C LEU B 291 13.68 20.50 1.85
N ILE B 292 14.87 21.11 1.69
CA ILE B 292 15.32 21.51 0.37
C ILE B 292 16.37 20.52 -0.10
N LEU B 293 17.40 20.35 0.73
CA LEU B 293 18.59 19.65 0.28
C LEU B 293 18.34 18.16 0.09
N ARG B 294 17.37 17.57 0.80
CA ARG B 294 17.12 16.17 0.53
C ARG B 294 16.53 15.93 -0.85
N ASP B 295 16.12 16.97 -1.56
CA ASP B 295 15.59 16.82 -2.92
C ASP B 295 16.68 16.80 -3.98
N PHE B 296 17.95 16.87 -3.59
CA PHE B 296 19.00 16.99 -4.58
C PHE B 296 20.11 15.99 -4.29
N PRO B 297 20.67 15.36 -5.33
CA PRO B 297 21.94 14.62 -5.17
C PRO B 297 23.03 15.53 -4.64
N ASP B 298 24.12 14.90 -4.17
CA ASP B 298 25.17 15.63 -3.46
C ASP B 298 25.75 16.78 -4.28
N HIS B 299 25.95 16.56 -5.57
CA HIS B 299 26.57 17.60 -6.39
C HIS B 299 25.70 18.86 -6.43
N GLN B 300 24.41 18.69 -6.70
CA GLN B 300 23.53 19.86 -6.78
C GLN B 300 23.22 20.41 -5.39
N ALA B 301 23.15 19.56 -4.36
CA ALA B 301 23.00 20.08 -3.00
C ALA B 301 24.22 20.92 -2.60
N LEU B 302 25.41 20.50 -3.00
CA LEU B 302 26.61 21.27 -2.71
C LEU B 302 26.53 22.66 -3.34
N GLU B 303 26.11 22.73 -4.60
CA GLU B 303 26.05 24.01 -5.29
C GLU B 303 25.06 24.96 -4.62
N ILE B 304 23.93 24.44 -4.12
CA ILE B 304 23.00 25.32 -3.39
C ILE B 304 23.71 25.92 -2.18
N LEU B 305 24.42 25.08 -1.41
CA LEU B 305 25.18 25.60 -0.28
C LEU B 305 26.29 26.55 -0.74
N GLN B 306 26.93 26.25 -1.86
CA GLN B 306 28.03 27.13 -2.29
C GLN B 306 27.51 28.48 -2.76
N ASN B 307 26.23 28.56 -3.15
CA ASN B 307 25.63 29.83 -3.52
C ASN B 307 25.34 30.71 -2.32
N ILE B 308 25.36 30.15 -1.12
CA ILE B 308 25.07 30.89 0.11
C ILE B 308 26.34 31.31 0.82
N VAL B 309 27.33 30.42 0.83
CA VAL B 309 28.52 30.59 1.64
C VAL B 309 29.20 31.94 1.40
N PRO B 310 29.32 32.44 0.16
CA PRO B 310 29.96 33.75 -0.03
C PRO B 310 29.20 34.92 0.60
N ALA B 311 27.92 34.75 0.93
CA ALA B 311 27.17 35.81 1.58
C ALA B 311 27.32 35.83 3.09
N MET B 312 27.98 34.83 3.67
CA MET B 312 27.99 34.65 5.12
C MET B 312 29.04 35.54 5.80
N ASP B 313 28.67 36.05 6.97
CA ASP B 313 29.55 36.68 7.95
C ASP B 313 30.22 35.62 8.83
N ALA B 314 31.05 36.09 9.76
CA ALA B 314 31.53 35.19 10.81
C ALA B 314 30.38 34.74 11.71
N GLU B 315 29.40 35.62 11.95
CA GLU B 315 28.29 35.28 12.81
C GLU B 315 27.20 34.49 12.09
N SER B 316 27.17 34.54 10.76
CA SER B 316 26.15 33.87 9.97
C SER B 316 26.13 32.37 10.23
N ARG B 317 24.93 31.78 10.15
CA ARG B 317 24.75 30.35 10.29
C ARG B 317 23.84 29.85 9.17
N ILE B 318 24.15 28.67 8.63
CA ILE B 318 23.23 27.95 7.75
C ILE B 318 22.53 26.92 8.62
N VAL B 319 21.20 26.98 8.66
CA VAL B 319 20.40 26.04 9.41
C VAL B 319 19.74 25.09 8.42
N ILE B 320 20.18 23.83 8.43
CA ILE B 320 19.55 22.79 7.63
C ILE B 320 18.53 22.10 8.52
N ASP B 321 17.26 22.17 8.15
CA ASP B 321 16.17 21.49 8.84
C ASP B 321 15.68 20.37 7.94
N ASP B 322 15.96 19.13 8.33
CA ASP B 322 15.69 18.02 7.41
C ASP B 322 15.73 16.70 8.21
N GLY B 323 15.46 15.61 7.51
CA GLY B 323 15.50 14.31 8.16
C GLY B 323 16.94 13.90 8.45
N VAL B 324 17.16 13.39 9.66
CA VAL B 324 18.45 12.82 10.07
C VAL B 324 18.22 11.37 10.48
N PRO B 325 18.11 10.43 9.54
CA PRO B 325 17.86 9.05 9.94
C PRO B 325 19.02 8.51 10.75
N PRO B 326 18.76 7.51 11.60
CA PRO B 326 19.85 6.91 12.37
C PRO B 326 20.75 6.07 11.49
N GLU B 327 21.92 5.74 12.03
CA GLU B 327 22.81 4.79 11.36
C GLU B 327 22.20 3.39 11.29
N LYS B 328 21.33 3.02 12.24
CA LYS B 328 20.66 1.73 12.19
C LYS B 328 19.29 1.87 12.85
N GLY B 329 18.41 0.93 12.54
CA GLY B 329 17.06 0.94 13.08
C GLY B 329 16.16 2.02 12.52
N ALA B 330 16.40 2.47 11.29
CA ALA B 330 15.58 3.55 10.74
C ALA B 330 14.16 3.04 10.49
N ARG B 331 13.20 3.96 10.54
CA ARG B 331 11.77 3.62 10.48
C ARG B 331 11.24 3.74 9.05
N TRP B 332 10.05 3.15 8.82
CA TRP B 332 9.51 3.08 7.46
C TRP B 332 9.32 4.46 6.85
N ALA B 333 8.93 5.44 7.67
CA ALA B 333 8.70 6.77 7.11
C ALA B 333 9.99 7.35 6.52
N GLU B 334 11.12 7.14 7.19
CA GLU B 334 12.35 7.75 6.68
C GLU B 334 13.05 6.88 5.64
N THR B 335 12.88 5.55 5.68
CA THR B 335 13.47 4.73 4.62
C THR B 335 12.62 4.76 3.36
N GLY B 336 11.29 4.73 3.50
CA GLY B 336 10.44 4.84 2.32
C GLY B 336 10.61 6.17 1.59
N THR B 337 10.78 7.24 2.35
CA THR B 337 11.08 8.52 1.69
C THR B 337 12.36 8.42 0.88
N ASP B 338 13.39 7.77 1.44
CA ASP B 338 14.65 7.58 0.73
C ASP B 338 14.45 6.88 -0.62
N ILE B 339 13.61 5.85 -0.67
CA ILE B 339 13.40 5.12 -1.91
C ILE B 339 12.61 5.95 -2.92
N CYS B 340 11.62 6.72 -2.45
CA CYS B 340 10.85 7.58 -3.34
C CYS B 340 11.71 8.68 -3.95
N ILE B 341 12.55 9.33 -3.14
CA ILE B 341 13.34 10.42 -3.68
C ILE B 341 14.51 9.88 -4.52
N MET B 342 14.98 8.66 -4.24
CA MET B 342 15.90 8.01 -5.19
C MET B 342 15.27 7.91 -6.56
N SER B 343 14.07 7.31 -6.63
CA SER B 343 13.45 6.95 -7.90
C SER B 343 12.99 8.16 -8.69
N ALA B 344 12.57 9.24 -8.03
CA ALA B 344 12.02 10.38 -8.74
C ALA B 344 13.02 11.52 -8.91
N LEU B 345 13.93 11.73 -7.95
CA LEU B 345 14.84 12.87 -7.97
C LEU B 345 16.31 12.49 -7.93
N GLY B 346 16.64 11.20 -7.81
CA GLY B 346 18.03 10.80 -7.65
C GLY B 346 18.70 11.21 -6.36
N SER B 347 17.93 11.61 -5.32
CA SER B 347 18.58 12.08 -4.11
C SER B 347 18.49 11.03 -3.01
N LYS B 348 18.55 11.44 -1.76
CA LYS B 348 18.73 10.47 -0.69
C LYS B 348 18.47 11.15 0.63
N GLU B 349 17.99 10.39 1.61
CA GLU B 349 18.06 10.83 3.01
C GLU B 349 19.49 10.67 3.50
N ARG B 350 19.89 11.54 4.42
CA ARG B 350 21.28 11.58 4.86
C ARG B 350 21.34 11.44 6.37
N THR B 351 22.20 10.54 6.84
CA THR B 351 22.51 10.45 8.26
C THR B 351 23.26 11.71 8.68
N GLN B 352 23.40 11.88 10.00
CA GLN B 352 24.11 13.04 10.51
C GLN B 352 25.53 13.09 9.96
N ARG B 353 26.22 11.95 9.95
CA ARG B 353 27.56 11.92 9.39
C ARG B 353 27.56 12.28 7.91
N GLN B 354 26.51 11.91 7.17
CA GLN B 354 26.48 12.22 5.75
C GLN B 354 26.23 13.70 5.51
N TRP B 355 25.39 14.33 6.36
CA TRP B 355 25.19 15.77 6.29
C TRP B 355 26.50 16.52 6.53
N GLU B 356 27.24 16.10 7.55
CA GLU B 356 28.50 16.78 7.86
C GLU B 356 29.52 16.61 6.74
N GLU B 357 29.56 15.42 6.13
CA GLU B 357 30.45 15.22 5.00
C GLU B 357 30.08 16.15 3.85
N LEU B 358 28.79 16.27 3.55
CA LEU B 358 28.34 17.18 2.49
C LEU B 358 28.69 18.62 2.83
N ALA B 359 28.37 19.04 4.06
CA ALA B 359 28.54 20.45 4.44
C ALA B 359 30.02 20.84 4.51
N ALA B 360 30.90 19.89 4.82
CA ALA B 360 32.33 20.17 4.86
C ALA B 360 32.87 20.49 3.48
N LYS B 361 32.34 19.83 2.44
CA LYS B 361 32.73 20.19 1.08
C LYS B 361 32.38 21.63 0.73
N ALA B 362 31.48 22.28 1.47
CA ALA B 362 31.21 23.70 1.27
C ALA B 362 31.98 24.58 2.23
N GLY B 363 32.88 24.01 3.03
CA GLY B 363 33.60 24.76 4.03
C GLY B 363 32.83 25.04 5.30
N LEU B 364 31.84 24.22 5.63
CA LEU B 364 31.01 24.46 6.81
C LEU B 364 31.26 23.40 7.87
N GLN B 365 31.02 23.77 9.11
CA GLN B 365 31.20 22.83 10.21
C GLN B 365 29.99 22.84 11.12
N LEU B 366 29.56 21.66 11.53
CA LEU B 366 28.39 21.52 12.38
C LEU B 366 28.69 22.03 13.79
N GLN B 367 27.81 22.88 14.30
CA GLN B 367 27.95 23.53 15.59
C GLN B 367 26.94 23.04 16.63
N ALA B 368 25.71 22.75 16.20
CA ALA B 368 24.67 22.25 17.09
C ALA B 368 23.62 21.50 16.27
N LEU B 369 22.99 20.51 16.89
CA LEU B 369 21.94 19.71 16.28
C LEU B 369 20.76 19.63 17.24
N TYR B 370 19.61 20.14 16.82
CA TYR B 370 18.44 20.26 17.69
C TYR B 370 17.31 19.40 17.11
N GLN B 371 17.13 18.20 17.66
CA GLN B 371 16.02 17.37 17.23
C GLN B 371 14.69 17.95 17.73
N TYR B 372 13.64 17.79 16.93
CA TYR B 372 12.33 18.24 17.40
C TYR B 372 11.21 17.28 17.07
N THR B 373 11.48 16.13 16.46
CA THR B 373 10.52 15.05 16.31
C THR B 373 11.21 13.74 16.62
N TRP B 374 10.43 12.77 17.11
CA TRP B 374 10.82 11.41 17.48
C TRP B 374 9.63 10.51 17.23
N PRO B 375 9.85 9.24 16.89
CA PRO B 375 11.15 8.58 16.73
C PRO B 375 11.79 8.82 15.36
N VAL B 376 10.97 9.16 14.36
CA VAL B 376 11.53 9.63 13.10
C VAL B 376 12.09 11.03 13.33
N VAL B 377 13.38 11.18 13.17
CA VAL B 377 14.04 12.39 13.63
C VAL B 377 14.08 13.43 12.49
N ASN B 378 13.52 14.59 12.77
CA ASN B 378 13.84 15.83 12.07
C ASN B 378 14.59 16.73 13.03
N ALA B 379 15.60 17.43 12.53
CA ALA B 379 16.42 18.29 13.36
C ALA B 379 16.82 19.55 12.59
N ALA B 380 17.03 20.63 13.32
CA ALA B 380 17.69 21.81 12.79
C ALA B 380 19.19 21.68 13.06
N MET B 381 19.98 21.58 11.99
CA MET B 381 21.43 21.47 12.08
C MET B 381 22.03 22.85 11.79
N VAL B 382 22.83 23.38 12.72
CA VAL B 382 23.38 24.72 12.62
C VAL B 382 24.84 24.60 12.19
N PHE B 383 25.17 25.18 11.04
CA PHE B 383 26.48 25.11 10.44
C PHE B 383 27.10 26.51 10.41
N SER B 384 28.42 26.59 10.57
CA SER B 384 29.15 27.84 10.41
C SER B 384 30.35 27.61 9.51
N LEU B 385 30.99 28.70 9.10
CA LEU B 385 32.22 28.55 8.32
C LEU B 385 33.30 27.91 9.17
N GLN B 386 34.15 27.08 8.55
CA GLN B 386 35.32 26.54 9.23
C GLN B 386 36.29 27.66 9.60
N SAH C . -10.54 -24.10 -8.37
CA SAH C . -9.13 -23.74 -8.24
CB SAH C . -8.90 -22.30 -8.70
CG SAH C . -8.53 -22.22 -10.17
SD SAH C . -8.10 -20.54 -10.71
C SAH C . -8.63 -23.90 -6.81
O SAH C . -9.22 -23.36 -5.87
OXT SAH C . -7.62 -24.55 -6.56
C5' SAH C . -9.22 -20.67 -12.14
C4' SAH C . -9.15 -22.00 -12.88
O4' SAH C . -10.14 -21.97 -13.88
C3' SAH C . -7.82 -22.18 -13.61
O3' SAH C . -7.32 -23.48 -13.39
C2' SAH C . -8.14 -22.02 -15.08
O2' SAH C . -7.37 -22.88 -15.88
C1' SAH C . -9.57 -22.46 -15.09
N9 SAH C . -10.37 -21.97 -16.22
C8 SAH C . -10.42 -20.69 -16.74
N7 SAH C . -11.33 -20.71 -17.75
C5 SAH C . -11.83 -21.97 -17.86
C6 SAH C . -12.77 -22.55 -18.70
N6 SAH C . -13.36 -21.80 -19.63
N1 SAH C . -13.10 -23.88 -18.56
C2 SAH C . -12.49 -24.66 -17.59
N3 SAH C . -11.56 -24.10 -16.76
C4 SAH C . -11.25 -22.77 -16.90
N SAH D . 10.91 25.00 3.13
CA SAH D . 9.54 24.63 2.79
CB SAH D . 9.53 23.49 1.76
CG SAH D . 8.86 23.81 0.42
SD SAH D . 8.95 22.43 -0.75
C SAH D . 8.80 24.20 4.06
O SAH D . 9.09 23.15 4.62
OXT SAH D . 7.90 24.89 4.56
C5' SAH D . 10.30 23.13 -1.73
C4' SAH D . 10.11 24.62 -2.07
O4' SAH D . 11.21 25.04 -2.86
C3' SAH D . 8.86 24.91 -2.89
O3' SAH D . 8.19 25.99 -2.27
C2' SAH D . 9.36 25.35 -4.25
O2' SAH D . 8.64 26.41 -4.83
C1' SAH D . 10.73 25.88 -3.90
N9 SAH D . 11.70 25.85 -4.99
C8 SAH D . 11.91 24.86 -5.91
N7 SAH D . 12.92 25.24 -6.70
C5 SAH D . 13.38 26.45 -6.30
C6 SAH D . 14.40 27.26 -6.75
N6 SAH D . 15.15 26.88 -7.79
N1 SAH D . 14.62 28.47 -6.12
C2 SAH D . 13.84 28.86 -5.04
N3 SAH D . 12.82 28.03 -4.59
C4 SAH D . 12.61 26.84 -5.22
#